data_3H3J
#
_entry.id   3H3J
#
_cell.length_a   83.917
_cell.length_b   122.120
_cell.length_c   74.319
_cell.angle_alpha   90.000
_cell.angle_beta   116.200
_cell.angle_gamma   90.000
#
_symmetry.space_group_name_H-M   'C 1 2 1'
#
loop_
_entity.id
_entity.type
_entity.pdbx_description
1 polymer 'L-lactate dehydrogenase 1'
2 non-polymer NICOTINAMIDE-ADENINE-DINUCLEOTIDE
3 non-polymer 'PYRUVIC ACID'
4 non-polymer GLYCEROL
5 water water
#
_entity_poly.entity_id   1
_entity_poly.type   'polypeptide(L)'
_entity_poly.pdbx_seq_one_letter_code
;MNKFKGNKVVLIGNGAVGSSYAFSLVNQSIVDELVIIDLDTEKVRGDVMDLKHATPYSPTTVRVKAGEYSDCHDADLVVI
CAGARQKPGETRLDLVSKNLKIFKSIVGEVMASKFDGIFLVATNPVDILAYATWKFSGLPKERVIGSGTILDSARFRLLL
SEAFDVAPRSVDAQIIGEHGDTELPVWSHANIAGQPLKTLLEQRPEGKAQIEQIFVQTRDAAYDIIQAKGATYYGVAMGL
ARITEAIFRNEDAVLTVSALLEGEYEEEDVYIGVPAVINRNGIRNVVEIPLNDEEQSKFAHSAKTLKDIMAEAEELK
;
_entity_poly.pdbx_strand_id   A,B
#
loop_
_chem_comp.id
_chem_comp.type
_chem_comp.name
_chem_comp.formula
GOL non-polymer GLYCEROL 'C3 H8 O3'
NAD non-polymer NICOTINAMIDE-ADENINE-DINUCLEOTIDE 'C21 H27 N7 O14 P2'
PYR non-polymer 'PYRUVIC ACID' 'C3 H4 O3'
#
# COMPACT_ATOMS: atom_id res chain seq x y z
N PHE A 4 -23.61 19.95 -9.77
CA PHE A 4 -22.80 19.20 -8.75
C PHE A 4 -23.09 17.70 -8.84
N LYS A 5 -22.52 17.06 -9.85
CA LYS A 5 -22.84 15.67 -10.17
C LYS A 5 -22.09 14.66 -9.32
N GLY A 6 -22.69 13.50 -9.07
CA GLY A 6 -22.01 12.39 -8.39
C GLY A 6 -21.16 11.60 -9.37
N ASN A 7 -20.74 10.40 -8.99
CA ASN A 7 -19.82 9.63 -9.80
C ASN A 7 -20.59 8.47 -10.38
N LYS A 8 -20.55 8.35 -11.70
CA LYS A 8 -21.38 7.39 -12.39
C LYS A 8 -20.58 6.42 -13.27
N VAL A 9 -20.76 5.13 -13.03
CA VAL A 9 -20.10 4.11 -13.82
C VAL A 9 -21.16 3.38 -14.63
N VAL A 10 -20.87 3.15 -15.91
CA VAL A 10 -21.70 2.26 -16.74
C VAL A 10 -20.85 1.02 -17.02
N LEU A 11 -21.35 -0.15 -16.61
CA LEU A 11 -20.76 -1.43 -16.99
C LEU A 11 -21.45 -1.97 -18.24
N ILE A 12 -20.66 -2.30 -19.27
CA ILE A 12 -21.20 -3.00 -20.42
C ILE A 12 -20.61 -4.41 -20.49
N GLY A 13 -21.50 -5.39 -20.28
CA GLY A 13 -21.08 -6.76 -20.21
C GLY A 13 -21.20 -7.21 -18.78
N ASN A 14 -22.31 -7.90 -18.50
CA ASN A 14 -22.66 -8.32 -17.15
C ASN A 14 -22.58 -9.84 -16.95
N GLY A 15 -21.50 -10.45 -17.42
CA GLY A 15 -21.28 -11.88 -17.28
C GLY A 15 -20.50 -12.13 -16.01
N ALA A 16 -19.72 -13.20 -15.98
CA ALA A 16 -18.91 -13.53 -14.82
C ALA A 16 -18.03 -12.36 -14.33
N VAL A 17 -17.33 -11.75 -15.26
CA VAL A 17 -16.40 -10.67 -14.93
C VAL A 17 -17.19 -9.41 -14.56
N GLY A 18 -18.15 -9.05 -15.40
CA GLY A 18 -18.89 -7.80 -15.19
C GLY A 18 -19.64 -7.82 -13.87
N SER A 19 -20.33 -8.92 -13.59
CA SER A 19 -21.14 -8.93 -12.38
C SER A 19 -20.26 -8.99 -11.12
N SER A 20 -19.09 -9.61 -11.22
CA SER A 20 -18.18 -9.68 -10.09
C SER A 20 -17.61 -8.27 -9.83
N TYR A 21 -17.29 -7.56 -10.89
CA TYR A 21 -16.86 -6.16 -10.75
C TYR A 21 -17.96 -5.31 -10.11
N ALA A 22 -19.19 -5.50 -10.55
CA ALA A 22 -20.32 -4.77 -9.96
C ALA A 22 -20.44 -5.05 -8.46
N PHE A 23 -20.30 -6.32 -8.08
CA PHE A 23 -20.35 -6.68 -6.67
C PHE A 23 -19.17 -6.06 -5.90
N SER A 24 -18.00 -6.03 -6.53
CA SER A 24 -16.88 -5.36 -5.89
C SER A 24 -17.23 -3.89 -5.64
N LEU A 25 -17.86 -3.22 -6.59
CA LEU A 25 -18.22 -1.84 -6.36
C LEU A 25 -19.26 -1.68 -5.24
N VAL A 26 -20.17 -2.64 -5.11
CA VAL A 26 -21.15 -2.60 -4.03
C VAL A 26 -20.45 -2.77 -2.68
N ASN A 27 -19.41 -3.60 -2.66
CA ASN A 27 -18.67 -3.76 -1.39
C ASN A 27 -17.85 -2.53 -1.03
N GLN A 28 -17.22 -1.91 -2.04
CA GLN A 28 -16.23 -0.85 -1.79
C GLN A 28 -16.75 0.60 -1.81
N SER A 29 -17.93 0.83 -2.40
CA SER A 29 -18.54 2.14 -2.46
C SER A 29 -17.60 3.16 -3.10
N ILE A 30 -16.93 2.76 -4.16
CA ILE A 30 -16.03 3.67 -4.87
C ILE A 30 -16.84 4.76 -5.54
N VAL A 31 -17.97 4.38 -6.12
CA VAL A 31 -18.87 5.34 -6.80
C VAL A 31 -20.29 5.23 -6.26
N ASP A 32 -21.10 6.26 -6.49
CA ASP A 32 -22.46 6.26 -5.93
C ASP A 32 -23.53 5.79 -6.93
N GLU A 33 -23.14 5.59 -8.19
CA GLU A 33 -24.11 5.16 -9.19
C GLU A 33 -23.49 4.19 -10.20
N LEU A 34 -24.14 3.05 -10.39
CA LEU A 34 -23.68 2.01 -11.32
C LEU A 34 -24.83 1.63 -12.24
N VAL A 35 -24.60 1.70 -13.54
CA VAL A 35 -25.63 1.34 -14.54
C VAL A 35 -25.11 0.16 -15.33
N ILE A 36 -25.96 -0.81 -15.58
CA ILE A 36 -25.52 -2.06 -16.19
C ILE A 36 -26.25 -2.33 -17.49
N ILE A 37 -25.47 -2.61 -18.53
CA ILE A 37 -25.98 -2.91 -19.86
C ILE A 37 -25.47 -4.28 -20.31
N ASP A 38 -26.37 -5.10 -20.83
CA ASP A 38 -25.99 -6.35 -21.46
C ASP A 38 -27.09 -6.72 -22.45
N LEU A 39 -26.75 -7.46 -23.51
CA LEU A 39 -27.79 -7.97 -24.41
C LEU A 39 -28.74 -8.84 -23.62
N ASP A 40 -28.19 -9.55 -22.65
CA ASP A 40 -29.00 -10.44 -21.86
C ASP A 40 -29.72 -9.67 -20.75
N THR A 41 -30.86 -9.09 -21.11
CA THR A 41 -31.59 -8.24 -20.20
C THR A 41 -32.16 -8.99 -18.99
N GLU A 42 -32.40 -10.30 -19.11
CA GLU A 42 -32.93 -11.01 -17.97
C GLU A 42 -31.88 -11.17 -16.89
N LYS A 43 -30.66 -11.50 -17.29
CA LYS A 43 -29.55 -11.61 -16.35
C LYS A 43 -29.33 -10.25 -15.67
N VAL A 44 -29.44 -9.17 -16.44
CA VAL A 44 -29.24 -7.83 -15.89
C VAL A 44 -30.29 -7.51 -14.83
N ARG A 45 -31.56 -7.71 -15.18
CA ARG A 45 -32.65 -7.53 -14.22
C ARG A 45 -32.41 -8.32 -12.95
N GLY A 46 -32.01 -9.59 -13.11
CA GLY A 46 -31.77 -10.44 -11.96
C GLY A 46 -30.59 -9.97 -11.12
N ASP A 47 -29.49 -9.61 -11.77
CA ASP A 47 -28.32 -9.13 -11.04
C ASP A 47 -28.55 -7.76 -10.41
N VAL A 48 -29.24 -6.87 -11.12
CA VAL A 48 -29.46 -5.55 -10.58
C VAL A 48 -30.27 -5.67 -9.27
N MET A 49 -31.26 -6.56 -9.25
CA MET A 49 -32.06 -6.75 -8.04
C MET A 49 -31.22 -7.29 -6.86
N ASP A 50 -30.48 -8.36 -7.14
CA ASP A 50 -29.67 -9.03 -6.15
C ASP A 50 -28.64 -8.04 -5.58
N LEU A 51 -27.99 -7.30 -6.48
CA LEU A 51 -27.03 -6.28 -6.09
C LEU A 51 -27.68 -5.17 -5.25
N LYS A 52 -28.84 -4.68 -5.67
CA LYS A 52 -29.47 -3.59 -4.91
C LYS A 52 -29.71 -4.01 -3.47
N HIS A 53 -30.02 -5.28 -3.29
CA HIS A 53 -30.33 -5.81 -1.95
C HIS A 53 -29.10 -5.89 -1.06
N ALA A 54 -27.91 -5.82 -1.66
CA ALA A 54 -26.68 -5.75 -0.88
C ALA A 54 -26.39 -4.31 -0.46
N THR A 55 -26.93 -3.34 -1.19
CA THR A 55 -26.51 -1.93 -1.00
C THR A 55 -26.86 -1.30 0.35
N PRO A 56 -27.87 -1.82 1.09
CA PRO A 56 -28.07 -1.18 2.39
C PRO A 56 -26.90 -1.38 3.33
N TYR A 57 -26.03 -2.36 3.05
CA TYR A 57 -24.87 -2.60 3.91
C TYR A 57 -23.55 -2.03 3.32
N SER A 58 -23.63 -1.40 2.15
CA SER A 58 -22.47 -0.73 1.55
C SER A 58 -21.99 0.41 2.46
N PRO A 59 -20.65 0.65 2.53
CA PRO A 59 -20.14 1.73 3.38
C PRO A 59 -20.86 3.08 3.15
N THR A 60 -21.07 3.45 1.88
CA THR A 60 -21.84 4.64 1.56
C THR A 60 -22.75 4.29 0.37
N THR A 61 -23.74 5.13 0.09
CA THR A 61 -24.78 4.86 -0.90
C THR A 61 -24.24 4.43 -2.25
N VAL A 62 -24.78 3.32 -2.75
CA VAL A 62 -24.54 2.92 -4.12
C VAL A 62 -25.89 2.59 -4.73
N ARG A 63 -26.19 3.22 -5.87
CA ARG A 63 -27.44 2.99 -6.57
C ARG A 63 -27.12 2.14 -7.79
N VAL A 64 -27.80 1.01 -7.92
CA VAL A 64 -27.57 0.13 -9.08
C VAL A 64 -28.81 0.13 -9.96
N LYS A 65 -28.62 0.22 -11.27
CA LYS A 65 -29.76 0.11 -12.17
C LYS A 65 -29.43 -0.48 -13.53
N ALA A 66 -30.47 -0.99 -14.18
CA ALA A 66 -30.35 -1.52 -15.54
C ALA A 66 -30.39 -0.31 -16.45
N GLY A 67 -29.57 -0.31 -17.50
CA GLY A 67 -29.50 0.87 -18.36
C GLY A 67 -29.50 0.54 -19.85
N GLU A 68 -29.37 1.57 -20.66
CA GLU A 68 -29.14 1.38 -22.08
C GLU A 68 -28.14 2.43 -22.49
N TYR A 69 -27.73 2.39 -23.75
CA TYR A 69 -26.66 3.26 -24.19
C TYR A 69 -26.92 4.73 -23.90
N SER A 70 -28.17 5.16 -23.99
CA SER A 70 -28.46 6.57 -23.76
C SER A 70 -27.98 7.00 -22.38
N ASP A 71 -27.95 6.06 -21.45
CA ASP A 71 -27.50 6.35 -20.08
C ASP A 71 -26.02 6.72 -19.98
N CYS A 72 -25.28 6.54 -21.06
CA CYS A 72 -23.84 6.85 -21.05
C CYS A 72 -23.56 8.33 -21.23
N HIS A 73 -24.57 9.12 -21.61
CA HIS A 73 -24.32 10.52 -21.96
C HIS A 73 -23.52 11.28 -20.88
N ASP A 74 -23.86 11.05 -19.62
CA ASP A 74 -23.19 11.77 -18.55
C ASP A 74 -22.42 10.82 -17.67
N ALA A 75 -22.11 9.64 -18.19
CA ALA A 75 -21.28 8.71 -17.43
C ALA A 75 -19.82 9.22 -17.33
N ASP A 76 -19.19 8.94 -16.20
CA ASP A 76 -17.80 9.30 -15.96
C ASP A 76 -16.86 8.19 -16.40
N LEU A 77 -17.31 6.94 -16.25
CA LEU A 77 -16.48 5.81 -16.65
C LEU A 77 -17.36 4.75 -17.29
N VAL A 78 -16.88 4.22 -18.41
CA VAL A 78 -17.53 3.09 -19.01
C VAL A 78 -16.58 1.90 -18.94
N VAL A 79 -17.03 0.84 -18.28
CA VAL A 79 -16.20 -0.34 -18.13
C VAL A 79 -16.74 -1.45 -19.02
N ILE A 80 -15.90 -1.96 -19.92
CA ILE A 80 -16.36 -2.96 -20.88
C ILE A 80 -15.81 -4.35 -20.57
N CYS A 81 -16.71 -5.25 -20.22
CA CYS A 81 -16.40 -6.63 -19.92
C CYS A 81 -17.23 -7.55 -20.82
N ALA A 82 -17.68 -7.03 -21.95
CA ALA A 82 -18.53 -7.81 -22.87
C ALA A 82 -17.71 -8.55 -23.90
N GLY A 83 -18.18 -9.72 -24.29
CA GLY A 83 -17.55 -10.44 -25.39
C GLY A 83 -17.21 -11.87 -25.09
N ALA A 84 -16.60 -12.54 -26.07
CA ALA A 84 -16.26 -13.95 -25.96
C ALA A 84 -15.06 -14.15 -25.07
N ARG A 85 -15.09 -15.22 -24.27
CA ARG A 85 -13.97 -15.59 -23.45
C ARG A 85 -13.27 -16.76 -24.11
N GLN A 86 -12.16 -17.20 -23.53
CA GLN A 86 -11.41 -18.32 -24.10
C GLN A 86 -11.88 -19.68 -23.55
N LYS A 87 -11.75 -20.73 -24.36
CA LYS A 87 -12.01 -22.09 -23.86
C LYS A 87 -10.71 -22.74 -23.34
N PRO A 88 -10.85 -23.81 -22.55
CA PRO A 88 -9.66 -24.56 -22.21
C PRO A 88 -8.87 -24.81 -23.50
N GLY A 89 -7.54 -24.65 -23.44
CA GLY A 89 -6.72 -24.84 -24.63
C GLY A 89 -6.46 -23.60 -25.49
N GLU A 90 -7.33 -22.59 -25.42
CA GLU A 90 -7.16 -21.38 -26.24
C GLU A 90 -6.37 -20.27 -25.56
N THR A 91 -5.74 -19.42 -26.38
CA THR A 91 -5.12 -18.21 -25.88
C THR A 91 -6.11 -17.05 -25.99
N ARG A 92 -5.73 -15.91 -25.43
CA ARG A 92 -6.52 -14.70 -25.50
C ARG A 92 -6.48 -14.07 -26.90
N LEU A 93 -5.36 -14.21 -27.59
CA LEU A 93 -5.23 -13.71 -28.97
C LEU A 93 -6.21 -14.37 -29.95
N ASP A 94 -6.60 -15.61 -29.64
CA ASP A 94 -7.57 -16.34 -30.45
C ASP A 94 -8.91 -15.60 -30.54
N LEU A 95 -9.15 -14.68 -29.62
CA LEU A 95 -10.45 -14.00 -29.53
C LEU A 95 -10.53 -12.72 -30.35
N VAL A 96 -9.41 -12.30 -30.95
CA VAL A 96 -9.31 -10.95 -31.50
C VAL A 96 -10.41 -10.54 -32.50
N SER A 97 -10.65 -11.36 -33.51
CA SER A 97 -11.58 -10.96 -34.57
C SER A 97 -13.01 -10.83 -34.04
N LYS A 98 -13.43 -11.80 -33.25
CA LYS A 98 -14.78 -11.79 -32.69
C LYS A 98 -15.00 -10.57 -31.79
N ASN A 99 -14.02 -10.29 -30.93
CA ASN A 99 -14.21 -9.20 -29.97
C ASN A 99 -13.98 -7.80 -30.56
N LEU A 100 -13.18 -7.71 -31.62
CA LEU A 100 -13.07 -6.45 -32.35
C LEU A 100 -14.38 -6.05 -33.05
N LYS A 101 -15.10 -7.03 -33.59
CA LYS A 101 -16.39 -6.74 -34.20
C LYS A 101 -17.36 -6.24 -33.15
N ILE A 102 -17.36 -6.91 -31.99
CA ILE A 102 -18.21 -6.49 -30.89
C ILE A 102 -17.89 -5.06 -30.40
N PHE A 103 -16.60 -4.76 -30.24
CA PHE A 103 -16.22 -3.42 -29.80
C PHE A 103 -16.55 -2.32 -30.80
N LYS A 104 -16.50 -2.62 -32.09
CA LYS A 104 -16.84 -1.60 -33.07
C LYS A 104 -18.28 -1.16 -32.82
N SER A 105 -19.14 -2.12 -32.49
CA SER A 105 -20.56 -1.88 -32.21
C SER A 105 -20.75 -1.18 -30.85
N ILE A 106 -20.18 -1.74 -29.79
CA ILE A 106 -20.35 -1.14 -28.47
C ILE A 106 -19.81 0.29 -28.39
N VAL A 107 -18.56 0.47 -28.82
CA VAL A 107 -17.95 1.78 -28.71
C VAL A 107 -18.74 2.79 -29.54
N GLY A 108 -19.26 2.35 -30.69
CA GLY A 108 -20.02 3.27 -31.55
C GLY A 108 -21.30 3.72 -30.86
N GLU A 109 -21.97 2.79 -30.20
CA GLU A 109 -23.20 3.09 -29.47
C GLU A 109 -22.96 4.00 -28.26
N VAL A 110 -21.82 3.81 -27.60
CA VAL A 110 -21.47 4.72 -26.49
C VAL A 110 -21.17 6.13 -26.96
N MET A 111 -20.37 6.25 -28.01
CA MET A 111 -19.98 7.56 -28.48
C MET A 111 -21.20 8.30 -29.02
N ALA A 112 -22.14 7.56 -29.61
CA ALA A 112 -23.35 8.19 -30.16
C ALA A 112 -24.24 8.83 -29.07
N SER A 113 -24.08 8.36 -27.83
CA SER A 113 -24.79 8.93 -26.67
C SER A 113 -24.19 10.27 -26.22
N LYS A 114 -23.05 10.62 -26.78
CA LYS A 114 -22.38 11.87 -26.42
C LYS A 114 -21.51 11.67 -25.18
N PHE A 115 -21.29 10.42 -24.81
CA PHE A 115 -20.31 10.07 -23.77
C PHE A 115 -18.99 10.83 -23.94
N ASP A 116 -18.45 11.35 -22.85
CA ASP A 116 -17.17 12.04 -22.90
C ASP A 116 -16.39 11.77 -21.63
N GLY A 117 -16.36 10.52 -21.18
CA GLY A 117 -15.61 10.23 -19.96
C GLY A 117 -14.38 9.38 -20.24
N ILE A 118 -14.19 8.39 -19.39
CA ILE A 118 -13.06 7.48 -19.50
C ILE A 118 -13.54 6.07 -19.80
N PHE A 119 -12.79 5.33 -20.62
CA PHE A 119 -13.08 3.92 -20.86
C PHE A 119 -12.10 3.03 -20.10
N LEU A 120 -12.61 1.94 -19.54
CA LEU A 120 -11.75 0.96 -18.89
C LEU A 120 -12.14 -0.40 -19.44
N VAL A 121 -11.18 -1.07 -20.08
CA VAL A 121 -11.46 -2.30 -20.83
C VAL A 121 -10.88 -3.54 -20.20
N ALA A 122 -11.70 -4.61 -20.10
CA ALA A 122 -11.22 -5.91 -19.63
C ALA A 122 -11.29 -6.99 -20.71
N THR A 123 -12.26 -6.89 -21.62
CA THR A 123 -12.40 -7.90 -22.67
C THR A 123 -11.06 -8.28 -23.31
N ASN A 124 -10.87 -9.57 -23.60
CA ASN A 124 -9.62 -10.05 -24.15
C ASN A 124 -9.66 -10.13 -25.68
N PRO A 125 -8.51 -9.97 -26.35
CA PRO A 125 -7.23 -9.74 -25.71
C PRO A 125 -7.14 -8.29 -25.31
N VAL A 126 -6.92 -8.04 -24.02
CA VAL A 126 -7.19 -6.71 -23.46
C VAL A 126 -6.35 -5.58 -24.05
N ASP A 127 -5.08 -5.84 -24.39
CA ASP A 127 -4.24 -4.76 -24.93
C ASP A 127 -4.71 -4.34 -26.33
N ILE A 128 -5.07 -5.31 -27.14
CA ILE A 128 -5.52 -5.00 -28.45
C ILE A 128 -6.90 -4.33 -28.41
N LEU A 129 -7.76 -4.80 -27.51
CA LEU A 129 -9.09 -4.20 -27.36
C LEU A 129 -9.05 -2.80 -26.75
N ALA A 130 -8.08 -2.54 -25.85
CA ALA A 130 -7.90 -1.15 -25.38
C ALA A 130 -7.46 -0.26 -26.54
N TYR A 131 -6.49 -0.75 -27.32
CA TYR A 131 -6.08 -0.01 -28.53
C TYR A 131 -7.28 0.26 -29.46
N ALA A 132 -8.10 -0.78 -29.70
CA ALA A 132 -9.29 -0.63 -30.57
C ALA A 132 -10.26 0.42 -30.00
N THR A 133 -10.43 0.38 -28.68
CA THR A 133 -11.29 1.35 -27.99
C THR A 133 -10.78 2.77 -28.18
N TRP A 134 -9.46 2.95 -28.10
CA TRP A 134 -8.86 4.25 -28.35
C TRP A 134 -9.13 4.68 -29.78
N LYS A 135 -8.82 3.82 -30.73
CA LYS A 135 -9.04 4.15 -32.15
C LYS A 135 -10.52 4.30 -32.51
N PHE A 136 -11.37 3.36 -32.09
CA PHE A 136 -12.79 3.52 -32.43
C PHE A 136 -13.39 4.78 -31.80
N SER A 137 -12.93 5.15 -30.61
CA SER A 137 -13.62 6.22 -29.88
C SER A 137 -13.14 7.59 -30.32
N GLY A 138 -11.90 7.66 -30.79
CA GLY A 138 -11.26 8.93 -31.10
C GLY A 138 -10.86 9.72 -29.86
N LEU A 139 -11.01 9.11 -28.68
CA LEU A 139 -10.70 9.85 -27.44
C LEU A 139 -9.19 9.93 -27.21
N PRO A 140 -8.74 10.92 -26.41
CA PRO A 140 -7.31 11.00 -26.07
C PRO A 140 -6.87 9.76 -25.33
N LYS A 141 -5.58 9.42 -25.45
CA LYS A 141 -5.03 8.20 -24.82
C LYS A 141 -5.19 8.19 -23.29
N GLU A 142 -5.15 9.34 -22.66
CA GLU A 142 -5.30 9.42 -21.22
C GLU A 142 -6.64 8.84 -20.77
N ARG A 143 -7.62 8.88 -21.67
CA ARG A 143 -8.98 8.49 -21.31
C ARG A 143 -9.41 7.09 -21.77
N VAL A 144 -8.44 6.29 -22.23
CA VAL A 144 -8.72 4.89 -22.57
C VAL A 144 -7.69 4.00 -21.91
N ILE A 145 -8.17 3.13 -21.02
CA ILE A 145 -7.30 2.29 -20.21
C ILE A 145 -7.70 0.83 -20.38
N GLY A 146 -6.72 -0.05 -20.54
CA GLY A 146 -6.98 -1.48 -20.46
C GLY A 146 -6.52 -1.95 -19.10
N SER A 147 -7.17 -2.97 -18.55
CA SER A 147 -6.75 -3.50 -17.23
C SER A 147 -5.34 -4.08 -17.31
N GLY A 148 -5.00 -4.69 -18.45
CA GLY A 148 -3.61 -5.09 -18.69
C GLY A 148 -3.06 -5.98 -17.59
N THR A 149 -1.84 -5.69 -17.16
CA THR A 149 -1.16 -6.50 -16.15
C THR A 149 -1.52 -6.15 -14.69
N ILE A 150 -2.58 -5.37 -14.48
CA ILE A 150 -3.06 -5.10 -13.12
C ILE A 150 -3.24 -6.43 -12.40
N LEU A 151 -3.70 -7.42 -13.15
CA LEU A 151 -3.98 -8.74 -12.59
C LEU A 151 -2.75 -9.64 -12.55
N ASP A 152 -1.97 -9.64 -13.63
CA ASP A 152 -0.69 -10.37 -13.61
C ASP A 152 0.24 -9.90 -12.51
N SER A 153 0.37 -8.58 -12.35
CA SER A 153 1.18 -8.05 -11.25
C SER A 153 0.67 -8.56 -9.89
N ALA A 154 -0.64 -8.56 -9.69
CA ALA A 154 -1.20 -9.11 -8.45
C ALA A 154 -0.86 -10.57 -8.27
N ARG A 155 -0.94 -11.36 -9.34
CA ARG A 155 -0.63 -12.80 -9.20
C ARG A 155 0.82 -13.01 -8.81
N PHE A 156 1.69 -12.26 -9.49
CA PHE A 156 3.14 -12.28 -9.21
C PHE A 156 3.37 -11.93 -7.75
N ARG A 157 2.76 -10.85 -7.26
CA ARG A 157 2.91 -10.46 -5.87
C ARG A 157 2.39 -11.54 -4.91
N LEU A 158 1.22 -12.07 -5.23
CA LEU A 158 0.64 -13.15 -4.42
C LEU A 158 1.61 -14.34 -4.33
N LEU A 159 2.15 -14.81 -5.46
CA LEU A 159 3.04 -16.00 -5.42
C LEU A 159 4.33 -15.70 -4.67
N LEU A 160 4.86 -14.48 -4.84
CA LEU A 160 6.04 -14.06 -4.07
C LEU A 160 5.76 -13.95 -2.57
N SER A 161 4.57 -13.47 -2.22
CA SER A 161 4.20 -13.28 -0.84
C SER A 161 4.12 -14.64 -0.13
N GLU A 162 3.78 -15.69 -0.88
CA GLU A 162 3.78 -17.04 -0.35
C GLU A 162 5.19 -17.58 -0.27
N ALA A 163 6.00 -17.31 -1.30
CA ALA A 163 7.38 -17.77 -1.32
C ALA A 163 8.21 -17.16 -0.20
N PHE A 164 7.90 -15.92 0.18
CA PHE A 164 8.67 -15.22 1.21
C PHE A 164 7.92 -15.02 2.52
N ASP A 165 6.65 -15.45 2.56
CA ASP A 165 5.88 -15.47 3.80
C ASP A 165 5.68 -14.08 4.44
N VAL A 166 5.20 -13.12 3.64
CA VAL A 166 4.85 -11.81 4.15
C VAL A 166 3.56 -11.39 3.48
N ALA A 167 2.99 -10.29 3.98
CA ALA A 167 1.78 -9.73 3.37
C ALA A 167 2.01 -9.38 1.91
N PRO A 168 1.01 -9.64 1.08
CA PRO A 168 1.08 -9.23 -0.31
C PRO A 168 1.34 -7.70 -0.43
N ARG A 169 0.78 -6.90 0.47
CA ARG A 169 0.99 -5.46 0.34
CA ARG A 169 0.97 -5.45 0.44
C ARG A 169 2.42 -5.06 0.67
N SER A 170 3.23 -6.02 1.16
CA SER A 170 4.62 -5.75 1.46
C SER A 170 5.54 -6.20 0.32
N VAL A 171 4.95 -6.73 -0.74
CA VAL A 171 5.74 -7.12 -1.94
C VAL A 171 5.53 -6.09 -3.05
N ASP A 172 6.60 -5.45 -3.48
CA ASP A 172 6.52 -4.54 -4.63
C ASP A 172 7.12 -5.30 -5.82
N ALA A 173 6.24 -5.69 -6.74
CA ALA A 173 6.65 -6.53 -7.86
C ALA A 173 5.66 -6.34 -9.01
N GLN A 174 6.15 -6.49 -10.23
CA GLN A 174 5.43 -6.07 -11.41
C GLN A 174 5.57 -7.06 -12.55
N ILE A 175 4.49 -7.24 -13.28
CA ILE A 175 4.56 -7.93 -14.55
C ILE A 175 4.27 -6.85 -15.59
N ILE A 176 5.04 -6.85 -16.65
CA ILE A 176 4.75 -5.89 -17.74
C ILE A 176 4.64 -6.60 -19.09
N GLY A 177 4.30 -5.86 -20.15
CA GLY A 177 4.09 -6.49 -21.47
C GLY A 177 2.63 -6.84 -21.75
N GLU A 178 2.42 -7.68 -22.76
CA GLU A 178 1.11 -8.25 -23.07
C GLU A 178 0.51 -8.90 -21.84
N HIS A 179 -0.78 -8.71 -21.60
CA HIS A 179 -1.52 -9.55 -20.66
C HIS A 179 -1.74 -10.88 -21.37
N GLY A 180 -0.79 -11.78 -21.20
CA GLY A 180 -0.81 -13.01 -21.99
C GLY A 180 0.59 -13.58 -22.10
N ASP A 181 0.80 -14.42 -23.10
CA ASP A 181 1.97 -15.31 -23.10
C ASP A 181 3.33 -14.64 -23.24
N THR A 182 3.40 -13.44 -23.82
CA THR A 182 4.68 -12.74 -23.93
C THR A 182 4.95 -11.76 -22.76
N GLU A 183 4.15 -11.82 -21.71
CA GLU A 183 4.38 -10.98 -20.53
C GLU A 183 5.71 -11.32 -19.84
N LEU A 184 6.25 -10.39 -19.07
CA LEU A 184 7.55 -10.61 -18.43
C LEU A 184 7.58 -10.10 -16.99
N PRO A 185 8.27 -10.84 -16.09
CA PRO A 185 8.47 -10.34 -14.75
C PRO A 185 9.58 -9.31 -14.70
N VAL A 186 9.44 -8.29 -13.85
CA VAL A 186 10.50 -7.31 -13.66
C VAL A 186 11.33 -7.70 -12.41
N TRP A 187 12.17 -8.70 -12.58
CA TRP A 187 12.98 -9.18 -11.49
C TRP A 187 14.05 -8.15 -11.08
N SER A 188 14.40 -7.24 -11.98
CA SER A 188 15.38 -6.22 -11.62
C SER A 188 14.85 -5.33 -10.50
N HIS A 189 13.52 -5.28 -10.36
CA HIS A 189 12.83 -4.46 -9.35
C HIS A 189 12.28 -5.25 -8.16
N ALA A 190 11.72 -6.43 -8.42
CA ALA A 190 10.90 -7.12 -7.41
C ALA A 190 11.62 -7.15 -6.07
N ASN A 191 10.98 -6.64 -5.02
CA ASN A 191 11.61 -6.60 -3.72
C ASN A 191 10.62 -6.55 -2.54
N ILE A 192 11.07 -6.98 -1.37
CA ILE A 192 10.35 -6.75 -0.12
C ILE A 192 11.24 -5.87 0.75
N ALA A 193 10.84 -4.59 0.89
CA ALA A 193 11.59 -3.60 1.69
C ALA A 193 13.04 -3.54 1.25
N GLY A 194 13.28 -3.92 -0.01
CA GLY A 194 14.63 -3.89 -0.56
C GLY A 194 15.30 -5.25 -0.67
N GLN A 195 14.70 -6.30 -0.09
CA GLN A 195 15.24 -7.66 -0.32
C GLN A 195 15.17 -7.99 -1.81
N PRO A 196 16.31 -8.39 -2.41
CA PRO A 196 16.34 -8.70 -3.87
C PRO A 196 15.78 -10.12 -4.08
N LEU A 197 14.52 -10.20 -4.50
CA LEU A 197 13.80 -11.48 -4.49
C LEU A 197 14.41 -12.53 -5.43
N LYS A 198 14.74 -12.18 -6.67
CA LYS A 198 15.38 -13.17 -7.55
C LYS A 198 16.72 -13.68 -6.97
N THR A 199 17.52 -12.77 -6.44
CA THR A 199 18.80 -13.13 -5.86
C THR A 199 18.64 -14.06 -4.66
N LEU A 200 17.71 -13.72 -3.77
CA LEU A 200 17.41 -14.60 -2.66
C LEU A 200 16.92 -15.99 -3.10
N LEU A 201 16.04 -16.02 -4.10
CA LEU A 201 15.53 -17.31 -4.58
C LEU A 201 16.67 -18.15 -5.18
N GLU A 202 17.57 -17.50 -5.89
CA GLU A 202 18.69 -18.21 -6.50
C GLU A 202 19.60 -18.88 -5.47
N GLN A 203 19.57 -18.40 -4.24
CA GLN A 203 20.37 -18.98 -3.16
C GLN A 203 19.80 -20.28 -2.64
N ARG A 204 18.53 -20.57 -2.93
CA ARG A 204 17.89 -21.77 -2.38
C ARG A 204 18.27 -22.97 -3.24
N PRO A 205 18.07 -24.18 -2.70
CA PRO A 205 18.26 -25.42 -3.47
C PRO A 205 17.31 -25.43 -4.65
N GLU A 206 17.83 -25.65 -5.86
CA GLU A 206 17.01 -25.59 -7.08
C GLU A 206 16.29 -24.24 -7.20
N GLY A 207 17.00 -23.17 -6.86
CA GLY A 207 16.44 -21.82 -6.86
C GLY A 207 16.03 -21.38 -8.24
N LYS A 208 16.83 -21.73 -9.24
CA LYS A 208 16.50 -21.40 -10.61
C LYS A 208 15.13 -21.98 -10.94
N ALA A 209 14.91 -23.21 -10.48
CA ALA A 209 13.65 -23.89 -10.73
C ALA A 209 12.50 -23.12 -10.07
N GLN A 210 12.68 -22.71 -8.81
CA GLN A 210 11.64 -21.95 -8.11
C GLN A 210 11.34 -20.63 -8.83
N ILE A 211 12.39 -19.93 -9.23
CA ILE A 211 12.25 -18.69 -10.00
C ILE A 211 11.43 -18.95 -11.25
N GLU A 212 11.74 -20.02 -11.97
CA GLU A 212 10.93 -20.30 -13.15
C GLU A 212 9.48 -20.63 -12.81
N GLN A 213 9.28 -21.46 -11.79
CA GLN A 213 7.92 -21.86 -11.45
C GLN A 213 7.07 -20.68 -10.99
N ILE A 214 7.69 -19.70 -10.32
CA ILE A 214 6.91 -18.55 -9.89
C ILE A 214 6.41 -17.81 -11.12
N PHE A 215 7.25 -17.65 -12.13
CA PHE A 215 6.78 -16.92 -13.29
C PHE A 215 5.79 -17.74 -14.12
N VAL A 216 6.08 -19.03 -14.29
CA VAL A 216 5.18 -19.90 -15.03
C VAL A 216 3.76 -19.91 -14.40
N GLN A 217 3.69 -20.00 -13.10
CA GLN A 217 2.41 -19.98 -12.40
C GLN A 217 1.72 -18.62 -12.52
N THR A 218 2.50 -17.55 -12.67
CA THR A 218 1.94 -16.23 -12.96
C THR A 218 1.41 -16.18 -14.40
N ARG A 219 2.26 -16.49 -15.35
CA ARG A 219 1.92 -16.46 -16.77
C ARG A 219 0.72 -17.35 -17.11
N ASP A 220 0.65 -18.52 -16.49
CA ASP A 220 -0.34 -19.53 -16.85
C ASP A 220 -1.51 -19.59 -15.87
N ALA A 221 -1.60 -18.63 -14.95
CA ALA A 221 -2.65 -18.66 -13.95
C ALA A 221 -4.05 -18.77 -14.54
N ALA A 222 -4.31 -17.99 -15.59
CA ALA A 222 -5.64 -18.01 -16.21
C ALA A 222 -6.00 -19.42 -16.70
N TYR A 223 -5.03 -20.09 -17.32
CA TYR A 223 -5.27 -21.44 -17.83
C TYR A 223 -5.54 -22.40 -16.69
N ASP A 224 -4.74 -22.30 -15.63
CA ASP A 224 -4.93 -23.15 -14.45
C ASP A 224 -6.32 -22.97 -13.80
N ILE A 225 -6.76 -21.72 -13.66
CA ILE A 225 -8.08 -21.45 -13.08
C ILE A 225 -9.21 -21.94 -14.00
N ILE A 226 -9.07 -21.71 -15.30
CA ILE A 226 -10.06 -22.14 -16.25
C ILE A 226 -10.19 -23.66 -16.26
N GLN A 227 -9.05 -24.35 -16.15
CA GLN A 227 -9.06 -25.80 -16.09
C GLN A 227 -9.87 -26.25 -14.90
N ALA A 228 -9.74 -25.53 -13.79
CA ALA A 228 -10.38 -25.94 -12.53
C ALA A 228 -11.86 -25.56 -12.40
N LYS A 229 -12.24 -24.39 -12.91
CA LYS A 229 -13.62 -23.92 -12.72
C LYS A 229 -14.21 -23.24 -13.94
N GLY A 230 -13.49 -23.26 -15.05
CA GLY A 230 -14.04 -22.84 -16.34
C GLY A 230 -13.86 -21.39 -16.76
N ALA A 231 -13.56 -20.50 -15.82
CA ALA A 231 -13.33 -19.10 -16.18
C ALA A 231 -12.74 -18.40 -14.97
N THR A 232 -12.16 -17.21 -15.18
CA THR A 232 -11.65 -16.44 -14.02
C THR A 232 -12.47 -15.18 -13.94
N TYR A 233 -12.65 -14.67 -12.72
CA TYR A 233 -13.39 -13.42 -12.59
C TYR A 233 -13.08 -12.56 -11.37
N TYR A 234 -12.76 -13.18 -10.22
CA TYR A 234 -12.49 -12.41 -9.00
C TYR A 234 -11.23 -11.54 -9.10
N GLY A 235 -10.16 -12.11 -9.67
CA GLY A 235 -8.91 -11.36 -9.73
C GLY A 235 -9.09 -10.14 -10.60
N VAL A 236 -9.66 -10.33 -11.77
CA VAL A 236 -9.83 -9.22 -12.67
C VAL A 236 -10.84 -8.20 -12.10
N ALA A 237 -11.91 -8.69 -11.46
CA ALA A 237 -12.88 -7.74 -10.88
C ALA A 237 -12.18 -6.85 -9.86
N MET A 238 -11.38 -7.46 -8.99
CA MET A 238 -10.67 -6.70 -7.98
C MET A 238 -9.70 -5.69 -8.59
N GLY A 239 -8.97 -6.12 -9.61
CA GLY A 239 -8.05 -5.20 -10.34
C GLY A 239 -8.80 -4.06 -11.01
N LEU A 240 -9.95 -4.36 -11.59
CA LEU A 240 -10.74 -3.29 -12.21
C LEU A 240 -11.21 -2.32 -11.12
N ALA A 241 -11.59 -2.83 -9.96
CA ALA A 241 -12.03 -1.97 -8.86
C ALA A 241 -10.87 -1.09 -8.37
N ARG A 242 -9.68 -1.68 -8.30
CA ARG A 242 -8.50 -0.88 -7.92
C ARG A 242 -8.28 0.32 -8.85
N ILE A 243 -8.34 0.07 -10.17
CA ILE A 243 -8.14 1.14 -11.14
C ILE A 243 -9.24 2.18 -10.98
N THR A 244 -10.46 1.69 -10.73
CA THR A 244 -11.63 2.57 -10.64
C THR A 244 -11.44 3.47 -9.43
N GLU A 245 -10.95 2.89 -8.34
CA GLU A 245 -10.62 3.68 -7.15
C GLU A 245 -9.56 4.77 -7.41
N ALA A 246 -8.47 4.42 -8.09
CA ALA A 246 -7.42 5.41 -8.39
C ALA A 246 -7.99 6.60 -9.16
N ILE A 247 -8.92 6.32 -10.06
CA ILE A 247 -9.57 7.41 -10.82
C ILE A 247 -10.46 8.26 -9.92
N PHE A 248 -11.42 7.62 -9.25
CA PHE A 248 -12.40 8.42 -8.54
C PHE A 248 -11.90 9.06 -7.25
N ARG A 249 -10.80 8.52 -6.71
CA ARG A 249 -10.17 9.18 -5.58
C ARG A 249 -8.95 10.04 -6.02
N ASN A 250 -8.81 10.27 -7.33
CA ASN A 250 -7.78 11.17 -7.89
C ASN A 250 -6.40 10.95 -7.27
N GLU A 251 -5.90 9.73 -7.31
CA GLU A 251 -4.79 9.36 -6.44
C GLU A 251 -3.39 9.68 -6.93
N ASP A 252 -3.21 9.76 -8.25
CA ASP A 252 -1.86 9.74 -8.86
C ASP A 252 -1.10 8.48 -8.43
N ALA A 253 -1.81 7.36 -8.35
CA ALA A 253 -1.22 6.10 -7.93
C ALA A 253 -0.57 5.47 -9.15
N VAL A 254 0.57 4.82 -8.95
CA VAL A 254 1.23 4.05 -10.01
C VAL A 254 0.71 2.62 -10.06
N LEU A 255 0.10 2.24 -11.18
CA LEU A 255 -0.47 0.91 -11.35
C LEU A 255 -0.06 0.38 -12.72
N THR A 256 0.13 -0.93 -12.82
CA THR A 256 0.45 -1.50 -14.13
C THR A 256 -0.87 -1.77 -14.86
N VAL A 257 -1.08 -1.00 -15.93
CA VAL A 257 -2.27 -1.11 -16.74
C VAL A 257 -1.85 -1.11 -18.22
N SER A 258 -2.78 -1.46 -19.09
CA SER A 258 -2.54 -1.33 -20.54
C SER A 258 -2.69 0.12 -20.97
N ALA A 259 -1.60 0.72 -21.43
CA ALA A 259 -1.56 2.13 -21.82
C ALA A 259 -0.95 2.28 -23.22
N LEU A 260 -1.31 3.37 -23.88
CA LEU A 260 -0.72 3.69 -25.19
C LEU A 260 0.69 4.23 -25.05
N LEU A 261 1.65 3.64 -25.78
CA LEU A 261 3.02 4.11 -25.76
C LEU A 261 3.27 5.01 -26.96
N GLU A 262 3.95 6.13 -26.74
CA GLU A 262 4.30 7.03 -27.82
C GLU A 262 5.75 7.42 -27.68
N GLY A 263 6.63 6.43 -27.58
CA GLY A 263 8.03 6.72 -27.44
C GLY A 263 8.60 6.07 -26.20
N GLU A 264 7.79 5.89 -25.14
CA GLU A 264 8.29 5.29 -23.89
C GLU A 264 8.74 3.86 -24.19
N TYR A 265 9.83 3.40 -23.55
CA TYR A 265 10.36 2.05 -23.78
C TYR A 265 10.71 1.82 -25.25
N GLU A 266 10.86 2.92 -26.00
CA GLU A 266 11.24 2.85 -27.41
C GLU A 266 10.19 2.12 -28.27
N GLU A 267 8.94 2.24 -27.86
CA GLU A 267 7.86 1.65 -28.63
C GLU A 267 6.83 2.70 -28.93
N GLU A 268 6.10 2.53 -30.04
CA GLU A 268 5.05 3.47 -30.44
C GLU A 268 3.84 2.74 -30.99
N ASP A 269 2.69 3.41 -30.94
CA ASP A 269 1.49 2.91 -31.57
C ASP A 269 1.11 1.50 -31.09
N VAL A 270 1.07 1.31 -29.77
CA VAL A 270 0.72 0.02 -29.19
C VAL A 270 0.27 0.27 -27.75
N TYR A 271 -0.82 -0.37 -27.35
CA TYR A 271 -1.22 -0.47 -25.95
C TYR A 271 -0.55 -1.70 -25.37
N ILE A 272 0.04 -1.56 -24.18
CA ILE A 272 0.72 -2.67 -23.58
C ILE A 272 0.85 -2.40 -22.09
N GLY A 273 1.03 -3.44 -21.28
CA GLY A 273 1.05 -3.25 -19.84
C GLY A 273 2.32 -2.59 -19.35
N VAL A 274 2.18 -1.45 -18.66
CA VAL A 274 3.31 -0.73 -18.12
C VAL A 274 2.86 -0.01 -16.85
N PRO A 275 3.80 0.29 -15.94
CA PRO A 275 3.38 1.16 -14.86
C PRO A 275 2.95 2.51 -15.42
N ALA A 276 1.83 3.04 -14.91
CA ALA A 276 1.36 4.35 -15.30
C ALA A 276 0.74 5.11 -14.13
N VAL A 277 0.82 6.44 -14.13
CA VAL A 277 0.17 7.22 -13.09
C VAL A 277 -1.30 7.42 -13.42
N ILE A 278 -2.16 7.03 -12.49
CA ILE A 278 -3.62 7.08 -12.65
C ILE A 278 -4.24 8.13 -11.73
N ASN A 279 -5.08 9.00 -12.29
CA ASN A 279 -5.84 9.96 -11.47
C ASN A 279 -7.24 10.22 -12.09
N ARG A 280 -7.94 11.25 -11.60
CA ARG A 280 -9.32 11.46 -12.03
C ARG A 280 -9.42 11.65 -13.54
N ASN A 281 -8.31 11.98 -14.18
CA ASN A 281 -8.34 12.31 -15.60
C ASN A 281 -7.96 11.06 -16.41
N GLY A 282 -7.68 9.97 -15.72
CA GLY A 282 -7.31 8.72 -16.37
C GLY A 282 -5.81 8.46 -16.24
N ILE A 283 -5.18 8.03 -17.33
CA ILE A 283 -3.72 7.87 -17.31
C ILE A 283 -3.04 9.23 -17.46
N ARG A 284 -2.38 9.71 -16.41
CA ARG A 284 -1.68 11.00 -16.50
C ARG A 284 -0.42 10.84 -17.35
N ASN A 285 0.32 9.77 -17.12
CA ASN A 285 1.51 9.50 -17.93
C ASN A 285 1.99 8.10 -17.69
N VAL A 286 2.70 7.57 -18.68
CA VAL A 286 3.36 6.30 -18.52
C VAL A 286 4.64 6.49 -17.68
N VAL A 287 4.92 5.56 -16.79
CA VAL A 287 6.12 5.62 -15.98
C VAL A 287 7.18 4.79 -16.68
N GLU A 288 8.35 5.39 -16.93
CA GLU A 288 9.42 4.70 -17.64
C GLU A 288 10.48 4.23 -16.66
N ILE A 289 10.59 2.93 -16.44
CA ILE A 289 11.50 2.42 -15.46
C ILE A 289 12.67 1.77 -16.20
N PRO A 290 13.83 1.65 -15.53
CA PRO A 290 14.98 1.03 -16.17
C PRO A 290 14.74 -0.47 -16.19
N LEU A 291 15.04 -1.09 -17.33
CA LEU A 291 14.88 -2.53 -17.50
C LEU A 291 16.29 -3.08 -17.72
N ASN A 292 16.57 -4.27 -17.18
CA ASN A 292 17.85 -4.90 -17.47
C ASN A 292 17.80 -5.54 -18.89
N ASP A 293 18.92 -6.08 -19.36
CA ASP A 293 18.97 -6.51 -20.77
C ASP A 293 17.92 -7.57 -21.10
N GLU A 294 17.73 -8.52 -20.19
CA GLU A 294 16.72 -9.55 -20.41
C GLU A 294 15.34 -8.93 -20.54
N GLU A 295 15.05 -7.97 -19.67
CA GLU A 295 13.72 -7.36 -19.65
C GLU A 295 13.51 -6.51 -20.91
N GLN A 296 14.55 -5.77 -21.31
CA GLN A 296 14.46 -4.99 -22.55
C GLN A 296 14.14 -5.94 -23.69
N SER A 297 14.84 -7.06 -23.75
CA SER A 297 14.63 -8.01 -24.84
C SER A 297 13.18 -8.49 -24.89
N LYS A 298 12.68 -8.94 -23.76
CA LYS A 298 11.34 -9.52 -23.68
C LYS A 298 10.24 -8.46 -23.92
N PHE A 299 10.43 -7.26 -23.42
CA PHE A 299 9.43 -6.21 -23.61
C PHE A 299 9.30 -5.85 -25.08
N ALA A 300 10.43 -5.72 -25.78
CA ALA A 300 10.39 -5.38 -27.21
C ALA A 300 9.70 -6.49 -27.98
N HIS A 301 9.97 -7.73 -27.59
CA HIS A 301 9.34 -8.90 -28.23
C HIS A 301 7.81 -8.90 -28.00
N SER A 302 7.39 -8.53 -26.80
CA SER A 302 5.98 -8.49 -26.47
C SER A 302 5.30 -7.42 -27.31
N ALA A 303 5.90 -6.23 -27.39
CA ALA A 303 5.35 -5.16 -28.18
C ALA A 303 5.22 -5.60 -29.64
N LYS A 304 6.28 -6.18 -30.18
CA LYS A 304 6.24 -6.61 -31.58
C LYS A 304 5.13 -7.63 -31.79
N THR A 305 4.99 -8.56 -30.86
CA THR A 305 3.96 -9.60 -30.97
C THR A 305 2.55 -8.98 -31.10
N LEU A 306 2.26 -8.00 -30.23
CA LEU A 306 0.97 -7.29 -30.29
C LEU A 306 0.84 -6.48 -31.58
N LYS A 307 1.89 -5.75 -31.94
CA LYS A 307 1.79 -4.93 -33.15
C LYS A 307 1.60 -5.79 -34.40
N ASP A 308 2.25 -6.96 -34.44
CA ASP A 308 2.10 -7.86 -35.57
C ASP A 308 0.66 -8.36 -35.67
N ILE A 309 0.07 -8.68 -34.53
CA ILE A 309 -1.33 -9.11 -34.54
C ILE A 309 -2.24 -7.97 -34.99
N MET A 310 -1.99 -6.75 -34.52
CA MET A 310 -2.81 -5.62 -34.90
C MET A 310 -2.72 -5.35 -36.41
N ALA A 311 -1.54 -5.59 -36.95
CA ALA A 311 -1.27 -5.34 -38.37
C ALA A 311 -2.12 -6.25 -39.26
N GLU A 312 -2.49 -7.41 -38.73
CA GLU A 312 -3.25 -8.37 -39.52
C GLU A 312 -4.77 -8.29 -39.27
N ALA A 313 -5.18 -7.51 -38.27
CA ALA A 313 -6.60 -7.45 -37.89
C ALA A 313 -7.44 -6.60 -38.85
N GLU A 314 -8.36 -7.26 -39.56
CA GLU A 314 -9.27 -6.58 -40.49
C GLU A 314 -9.96 -5.35 -39.88
N GLU A 315 -10.50 -5.49 -38.66
CA GLU A 315 -11.28 -4.39 -38.05
C GLU A 315 -10.44 -3.18 -37.66
N LEU A 316 -9.13 -3.38 -37.58
CA LEU A 316 -8.26 -2.41 -36.93
C LEU A 316 -7.61 -1.43 -37.89
N PHE B 4 -14.04 -15.31 24.25
CA PHE B 4 -14.20 -14.54 22.99
C PHE B 4 -14.14 -13.04 23.24
N LYS B 5 -13.02 -12.57 23.78
CA LYS B 5 -12.91 -11.16 24.12
C LYS B 5 -12.64 -10.32 22.86
N GLY B 6 -12.94 -9.03 22.95
CA GLY B 6 -12.69 -8.13 21.84
C GLY B 6 -11.26 -7.67 21.91
N ASN B 7 -10.95 -6.60 21.19
CA ASN B 7 -9.61 -6.05 21.12
C ASN B 7 -9.53 -4.81 21.97
N LYS B 8 -8.56 -4.78 22.87
CA LYS B 8 -8.52 -3.74 23.85
C LYS B 8 -7.15 -3.07 23.90
N VAL B 9 -7.15 -1.75 23.77
CA VAL B 9 -5.96 -0.95 23.82
C VAL B 9 -6.00 -0.07 25.05
N VAL B 10 -4.90 -0.05 25.80
CA VAL B 10 -4.77 0.95 26.85
C VAL B 10 -3.68 1.91 26.46
N LEU B 11 -4.05 3.19 26.39
CA LEU B 11 -3.14 4.27 26.16
C LEU B 11 -2.69 4.86 27.48
N ILE B 12 -1.38 4.92 27.69
CA ILE B 12 -0.82 5.62 28.83
C ILE B 12 -0.09 6.89 28.40
N GLY B 13 -0.67 8.03 28.78
CA GLY B 13 -0.12 9.32 28.41
C GLY B 13 -1.03 9.94 27.37
N ASN B 14 -1.80 10.94 27.80
CA ASN B 14 -2.87 11.51 27.01
C ASN B 14 -2.64 12.99 26.69
N GLY B 15 -1.41 13.32 26.29
CA GLY B 15 -1.11 14.69 25.86
C GLY B 15 -1.34 14.82 24.37
N ALA B 16 -0.56 15.68 23.72
CA ALA B 16 -0.74 15.95 22.30
C ALA B 16 -0.68 14.65 21.48
N VAL B 17 0.35 13.85 21.71
CA VAL B 17 0.50 12.62 20.96
C VAL B 17 -0.57 11.60 21.30
N GLY B 18 -0.75 11.32 22.59
CA GLY B 18 -1.68 10.27 23.00
C GLY B 18 -3.10 10.60 22.53
N SER B 19 -3.53 11.83 22.73
CA SER B 19 -4.92 12.17 22.42
C SER B 19 -5.09 12.13 20.89
N SER B 20 -4.05 12.47 20.14
CA SER B 20 -4.12 12.40 18.69
C SER B 20 -4.23 10.95 18.21
N TYR B 21 -3.47 10.06 18.86
CA TYR B 21 -3.54 8.65 18.58
C TYR B 21 -4.94 8.13 18.91
N ALA B 22 -5.48 8.56 20.03
CA ALA B 22 -6.85 8.16 20.43
C ALA B 22 -7.85 8.60 19.36
N PHE B 23 -7.71 9.82 18.86
CA PHE B 23 -8.64 10.27 17.83
C PHE B 23 -8.47 9.44 16.56
N SER B 24 -7.23 9.06 16.22
CA SER B 24 -7.05 8.16 15.05
C SER B 24 -7.79 6.86 15.23
N LEU B 25 -7.69 6.28 16.42
CA LEU B 25 -8.38 5.02 16.65
C LEU B 25 -9.91 5.18 16.54
N VAL B 26 -10.43 6.33 16.94
CA VAL B 26 -11.86 6.61 16.81
C VAL B 26 -12.25 6.77 15.35
N ASN B 27 -11.37 7.35 14.55
CA ASN B 27 -11.67 7.47 13.11
C ASN B 27 -11.56 6.14 12.39
N GLN B 28 -10.59 5.32 12.76
CA GLN B 28 -10.24 4.11 12.01
C GLN B 28 -10.88 2.80 12.50
N SER B 29 -11.36 2.77 13.75
CA SER B 29 -12.05 1.59 14.29
C SER B 29 -11.17 0.37 14.16
N ILE B 30 -9.88 0.51 14.45
CA ILE B 30 -8.98 -0.63 14.49
C ILE B 30 -9.35 -1.60 15.62
N VAL B 31 -9.69 -1.04 16.78
CA VAL B 31 -10.09 -1.84 17.95
C VAL B 31 -11.42 -1.35 18.50
N ASP B 32 -12.08 -2.19 19.28
CA ASP B 32 -13.42 -1.88 19.79
C ASP B 32 -13.40 -1.24 21.18
N GLU B 33 -12.25 -1.29 21.85
CA GLU B 33 -12.16 -0.73 23.20
C GLU B 33 -10.84 -0.01 23.46
N LEU B 34 -10.94 1.23 23.92
CA LEU B 34 -9.77 2.05 24.24
C LEU B 34 -9.89 2.62 25.66
N VAL B 35 -8.87 2.39 26.46
CA VAL B 35 -8.84 2.88 27.84
C VAL B 35 -7.68 3.84 27.96
N ILE B 36 -7.92 4.98 28.61
CA ILE B 36 -6.93 6.04 28.66
C ILE B 36 -6.50 6.30 30.10
N ILE B 37 -5.17 6.32 30.30
CA ILE B 37 -4.58 6.58 31.62
C ILE B 37 -3.65 7.77 31.54
N ASP B 38 -3.77 8.69 32.49
CA ASP B 38 -2.83 9.79 32.57
C ASP B 38 -2.83 10.35 34.00
N LEU B 39 -1.72 10.92 34.42
CA LEU B 39 -1.68 11.57 35.74
C LEU B 39 -2.72 12.69 35.77
N ASP B 40 -2.86 13.38 34.65
CA ASP B 40 -3.76 14.51 34.52
C ASP B 40 -5.18 14.00 34.26
N THR B 41 -5.88 13.66 35.34
CA THR B 41 -7.15 12.97 35.26
C THR B 41 -8.24 13.85 34.67
N GLU B 42 -8.10 15.17 34.83
CA GLU B 42 -9.10 16.09 34.30
C GLU B 42 -9.07 16.19 32.78
N LYS B 43 -7.88 16.22 32.22
CA LYS B 43 -7.77 16.21 30.78
C LYS B 43 -8.23 14.85 30.25
N VAL B 44 -7.93 13.76 30.98
CA VAL B 44 -8.46 12.45 30.57
C VAL B 44 -9.98 12.48 30.52
N ARG B 45 -10.59 13.01 31.58
CA ARG B 45 -12.04 13.12 31.63
C ARG B 45 -12.58 13.90 30.44
N GLY B 46 -12.00 15.06 30.17
CA GLY B 46 -12.44 15.92 29.09
C GLY B 46 -12.28 15.26 27.72
N ASP B 47 -11.13 14.62 27.49
CA ASP B 47 -10.88 13.95 26.19
C ASP B 47 -11.74 12.71 26.01
N VAL B 48 -11.94 11.93 27.07
CA VAL B 48 -12.75 10.74 26.94
C VAL B 48 -14.19 11.13 26.50
N MET B 49 -14.74 12.18 27.12
CA MET B 49 -16.07 12.63 26.75
C MET B 49 -16.11 13.10 25.29
N ASP B 50 -15.16 13.96 24.93
CA ASP B 50 -15.08 14.54 23.58
C ASP B 50 -14.94 13.43 22.55
N LEU B 51 -14.08 12.46 22.87
CA LEU B 51 -13.86 11.31 22.00
C LEU B 51 -15.11 10.46 21.89
N LYS B 52 -15.76 10.16 23.02
CA LYS B 52 -16.97 9.35 22.97
C LYS B 52 -18.01 9.93 22.03
N HIS B 53 -18.07 11.25 21.98
CA HIS B 53 -19.09 11.93 21.19
C HIS B 53 -18.82 11.83 19.70
N ALA B 54 -17.61 11.36 19.35
CA ALA B 54 -17.26 11.11 17.96
C ALA B 54 -17.61 9.68 17.58
N THR B 55 -17.65 8.77 18.56
CA THR B 55 -17.81 7.35 18.24
C THR B 55 -19.08 6.94 17.48
N PRO B 56 -20.18 7.72 17.59
CA PRO B 56 -21.35 7.31 16.83
C PRO B 56 -21.12 7.35 15.32
N TYR B 57 -20.09 8.06 14.88
CA TYR B 57 -19.78 8.08 13.44
C TYR B 57 -18.57 7.19 13.08
N SER B 58 -18.03 6.47 14.06
CA SER B 58 -16.93 5.53 13.80
C SER B 58 -17.43 4.42 12.86
N PRO B 59 -16.57 3.90 11.97
CA PRO B 59 -17.03 2.85 11.04
C PRO B 59 -17.67 1.67 11.79
N THR B 60 -17.03 1.21 12.86
CA THR B 60 -17.61 0.21 13.75
C THR B 60 -17.39 0.64 15.20
N THR B 61 -18.10 -0.01 16.13
CA THR B 61 -18.13 0.45 17.51
C THR B 61 -16.76 0.67 18.09
N VAL B 62 -16.55 1.85 18.67
CA VAL B 62 -15.40 2.04 19.56
C VAL B 62 -15.88 2.54 20.92
N ARG B 63 -15.48 1.86 21.99
CA ARG B 63 -15.83 2.26 23.34
C ARG B 63 -14.60 2.95 23.91
N VAL B 64 -14.75 4.19 24.36
CA VAL B 64 -13.63 4.91 25.00
C VAL B 64 -13.92 5.12 26.49
N LYS B 65 -12.91 4.90 27.33
CA LYS B 65 -13.07 5.13 28.77
C LYS B 65 -11.79 5.56 29.49
N ALA B 66 -11.98 6.25 30.61
CA ALA B 66 -10.87 6.59 31.50
C ALA B 66 -10.54 5.32 32.30
N GLY B 67 -9.27 5.05 32.52
CA GLY B 67 -8.92 3.80 33.15
C GLY B 67 -7.92 3.99 34.24
N GLU B 68 -7.52 2.88 34.84
CA GLU B 68 -6.40 2.88 35.75
C GLU B 68 -5.61 1.61 35.49
N TYR B 69 -4.46 1.47 36.13
CA TYR B 69 -3.58 0.35 35.85
C TYR B 69 -4.22 -1.03 35.94
N SER B 70 -5.15 -1.22 36.88
CA SER B 70 -5.80 -2.53 37.00
C SER B 70 -6.48 -2.92 35.69
N ASP B 71 -6.80 -1.92 34.88
CA ASP B 71 -7.50 -2.16 33.61
C ASP B 71 -6.61 -2.83 32.58
N CYS B 72 -5.30 -2.88 32.85
CA CYS B 72 -4.36 -3.45 31.88
C CYS B 72 -4.35 -4.96 31.94
N HIS B 73 -4.97 -5.53 32.98
CA HIS B 73 -4.88 -6.96 33.20
C HIS B 73 -5.22 -7.78 31.97
N ASP B 74 -6.26 -7.39 31.24
CA ASP B 74 -6.65 -8.10 30.01
C ASP B 74 -6.52 -7.22 28.77
N ALA B 75 -5.69 -6.21 28.86
CA ALA B 75 -5.39 -5.41 27.66
C ALA B 75 -4.54 -6.23 26.68
N ASP B 76 -4.75 -5.99 25.38
CA ASP B 76 -4.00 -6.68 24.34
C ASP B 76 -2.80 -5.86 23.93
N LEU B 77 -2.95 -4.54 23.98
CA LEU B 77 -1.89 -3.62 23.58
C LEU B 77 -1.84 -2.45 24.54
N VAL B 78 -0.65 -2.16 25.05
CA VAL B 78 -0.45 -0.97 25.84
C VAL B 78 0.43 -0.01 25.05
N VAL B 79 -0.09 1.19 24.80
CA VAL B 79 0.61 2.20 24.05
C VAL B 79 1.09 3.33 24.97
N ILE B 80 2.40 3.55 25.04
CA ILE B 80 2.89 4.57 25.97
C ILE B 80 3.41 5.80 25.26
N CYS B 81 2.71 6.92 25.49
CA CYS B 81 3.04 8.22 24.93
C CYS B 81 3.26 9.22 26.07
N ALA B 82 3.54 8.70 27.25
CA ALA B 82 3.69 9.53 28.43
C ALA B 82 5.11 10.06 28.53
N GLY B 83 5.24 11.30 29.00
CA GLY B 83 6.56 11.80 29.36
C GLY B 83 6.94 13.14 28.80
N ALA B 84 8.18 13.53 29.07
CA ALA B 84 8.66 14.85 28.70
C ALA B 84 8.98 14.93 27.21
N ARG B 85 8.73 16.09 26.61
CA ARG B 85 8.97 16.28 25.19
C ARG B 85 10.07 17.32 25.01
N GLN B 86 10.63 17.43 23.81
CA GLN B 86 11.76 18.33 23.61
C GLN B 86 11.33 19.80 23.40
N LYS B 87 12.19 20.73 23.81
CA LYS B 87 11.98 22.16 23.49
C LYS B 87 12.73 22.54 22.21
N PRO B 88 12.37 23.68 21.61
CA PRO B 88 13.17 24.15 20.50
C PRO B 88 14.64 24.18 20.94
N GLY B 89 15.53 23.65 20.11
CA GLY B 89 16.96 23.58 20.43
C GLY B 89 17.41 22.35 21.20
N GLU B 90 16.50 21.41 21.45
CA GLU B 90 16.80 20.18 22.16
C GLU B 90 16.72 18.94 21.26
N THR B 91 17.52 17.92 21.57
CA THR B 91 17.42 16.64 20.89
C THR B 91 16.64 15.64 21.73
N ARG B 92 16.24 14.55 21.09
CA ARG B 92 15.50 13.50 21.76
C ARG B 92 16.33 12.82 22.85
N LEU B 93 17.62 12.65 22.62
CA LEU B 93 18.49 11.98 23.59
C LEU B 93 18.60 12.83 24.85
N ASP B 94 18.32 14.12 24.72
CA ASP B 94 18.29 15.05 25.86
C ASP B 94 17.20 14.72 26.88
N LEU B 95 16.45 13.64 26.65
CA LEU B 95 15.30 13.31 27.49
C LEU B 95 15.48 11.98 28.22
N VAL B 96 16.56 11.27 27.95
CA VAL B 96 16.63 9.88 28.37
C VAL B 96 16.44 9.78 29.86
N SER B 97 17.11 10.66 30.59
CA SER B 97 17.10 10.60 32.05
C SER B 97 15.69 10.67 32.62
N LYS B 98 14.97 11.75 32.33
CA LYS B 98 13.64 11.88 32.91
C LYS B 98 12.70 10.76 32.44
N ASN B 99 12.74 10.42 31.16
CA ASN B 99 11.79 9.43 30.65
C ASN B 99 12.07 7.98 31.04
N LEU B 100 13.34 7.64 31.25
CA LEU B 100 13.65 6.34 31.85
C LEU B 100 13.10 6.26 33.27
N LYS B 101 13.14 7.37 33.99
CA LYS B 101 12.57 7.42 35.34
C LYS B 101 11.10 7.05 35.25
N ILE B 102 10.41 7.75 34.35
CA ILE B 102 8.97 7.57 34.17
C ILE B 102 8.58 6.15 33.72
N PHE B 103 9.31 5.59 32.75
CA PHE B 103 9.03 4.24 32.30
C PHE B 103 9.26 3.16 33.37
N LYS B 104 10.20 3.39 34.27
CA LYS B 104 10.42 2.45 35.34
C LYS B 104 9.13 2.30 36.13
N SER B 105 8.50 3.43 36.42
CA SER B 105 7.25 3.48 37.16
C SER B 105 6.10 2.89 36.34
N ILE B 106 5.92 3.42 35.13
CA ILE B 106 4.81 2.97 34.31
C ILE B 106 4.85 1.48 34.01
N VAL B 107 5.95 0.99 33.48
CA VAL B 107 5.99 -0.41 33.12
C VAL B 107 5.81 -1.28 34.36
N GLY B 108 6.27 -0.79 35.51
CA GLY B 108 6.11 -1.55 36.76
C GLY B 108 4.65 -1.69 37.15
N GLU B 109 3.93 -0.57 37.08
CA GLU B 109 2.50 -0.56 37.37
C GLU B 109 1.70 -1.46 36.42
N VAL B 110 2.10 -1.47 35.15
CA VAL B 110 1.45 -2.32 34.15
C VAL B 110 1.69 -3.81 34.42
N MET B 111 2.94 -4.19 34.67
CA MET B 111 3.20 -5.60 34.86
C MET B 111 2.50 -6.11 36.13
N ALA B 112 2.31 -5.22 37.09
CA ALA B 112 1.70 -5.58 38.39
C ALA B 112 0.24 -5.95 38.20
N SER B 113 -0.39 -5.43 37.15
CA SER B 113 -1.79 -5.71 36.89
C SER B 113 -1.91 -7.08 36.26
N LYS B 114 -0.78 -7.67 35.90
CA LYS B 114 -0.78 -9.00 35.30
C LYS B 114 -0.99 -8.92 33.78
N PHE B 115 -0.79 -7.73 33.24
CA PHE B 115 -0.74 -7.53 31.79
C PHE B 115 0.14 -8.57 31.10
N ASP B 116 -0.32 -9.09 29.97
CA ASP B 116 0.47 -10.06 29.23
C ASP B 116 0.17 -9.90 27.74
N GLY B 117 0.25 -8.66 27.26
CA GLY B 117 0.03 -8.39 25.85
C GLY B 117 1.29 -7.87 25.16
N ILE B 118 1.09 -6.85 24.34
CA ILE B 118 2.17 -6.23 23.59
C ILE B 118 2.29 -4.76 23.99
N PHE B 119 3.53 -4.27 24.08
CA PHE B 119 3.77 -2.86 24.34
C PHE B 119 4.12 -2.15 23.04
N LEU B 120 3.57 -0.97 22.85
CA LEU B 120 3.99 -0.13 21.75
C LEU B 120 4.39 1.23 22.32
N VAL B 121 5.66 1.62 22.15
CA VAL B 121 6.11 2.88 22.78
C VAL B 121 6.45 3.99 21.80
N ALA B 122 6.03 5.21 22.15
CA ALA B 122 6.30 6.39 21.35
C ALA B 122 7.17 7.43 22.06
N THR B 123 7.19 7.39 23.39
CA THR B 123 7.96 8.39 24.15
C THR B 123 9.43 8.48 23.72
N ASN B 124 9.99 9.69 23.66
CA ASN B 124 11.39 9.85 23.21
C ASN B 124 12.39 9.77 24.35
N PRO B 125 13.62 9.32 24.06
CA PRO B 125 14.05 8.83 22.75
C PRO B 125 13.52 7.43 22.56
N VAL B 126 12.76 7.22 21.51
CA VAL B 126 11.93 6.04 21.39
C VAL B 126 12.66 4.71 21.31
N ASP B 127 13.82 4.64 20.66
CA ASP B 127 14.58 3.38 20.62
C ASP B 127 15.08 2.95 22.01
N ILE B 128 15.58 3.91 22.77
CA ILE B 128 16.10 3.61 24.09
C ILE B 128 14.96 3.28 25.05
N LEU B 129 13.84 4.01 24.94
CA LEU B 129 12.64 3.72 25.73
C LEU B 129 12.00 2.37 25.38
N ALA B 130 12.05 1.98 24.10
CA ALA B 130 11.55 0.65 23.76
C ALA B 130 12.46 -0.38 24.38
N TYR B 131 13.77 -0.14 24.29
CA TYR B 131 14.72 -1.07 24.90
C TYR B 131 14.40 -1.19 26.39
N ALA B 132 14.19 -0.05 27.05
CA ALA B 132 13.90 0.00 28.49
C ALA B 132 12.63 -0.74 28.85
N THR B 133 11.62 -0.62 27.99
CA THR B 133 10.35 -1.32 28.20
C THR B 133 10.54 -2.82 28.12
N TRP B 134 11.36 -3.24 27.17
CA TRP B 134 11.71 -4.62 27.05
C TRP B 134 12.43 -5.11 28.33
N LYS B 135 13.47 -4.39 28.72
CA LYS B 135 14.23 -4.77 29.93
C LYS B 135 13.35 -4.72 31.19
N PHE B 136 12.69 -3.59 31.41
CA PHE B 136 11.84 -3.45 32.59
C PHE B 136 10.75 -4.52 32.66
N SER B 137 10.16 -4.86 31.52
CA SER B 137 8.96 -5.69 31.53
C SER B 137 9.24 -7.17 31.67
N GLY B 138 10.38 -7.63 31.14
CA GLY B 138 10.69 -9.05 31.13
C GLY B 138 10.04 -9.81 30.00
N LEU B 139 9.27 -9.11 29.16
CA LEU B 139 8.55 -9.71 28.04
C LEU B 139 9.45 -10.06 26.85
N PRO B 140 9.04 -11.05 26.05
CA PRO B 140 9.76 -11.44 24.85
C PRO B 140 9.92 -10.24 23.93
N LYS B 141 10.99 -10.23 23.13
CA LYS B 141 11.26 -9.09 22.27
C LYS B 141 10.15 -8.87 21.23
N GLU B 142 9.52 -9.97 20.83
CA GLU B 142 8.45 -9.91 19.84
C GLU B 142 7.30 -9.02 20.31
N ARG B 143 7.18 -8.90 21.63
CA ARG B 143 6.03 -8.22 22.21
C ARG B 143 6.33 -6.82 22.75
N VAL B 144 7.51 -6.29 22.42
CA VAL B 144 7.83 -4.91 22.74
C VAL B 144 8.33 -4.18 21.47
N ILE B 145 7.57 -3.18 21.05
CA ILE B 145 7.81 -2.48 19.79
C ILE B 145 7.96 -1.00 20.07
N GLY B 146 8.93 -0.36 19.41
CA GLY B 146 9.02 1.10 19.42
C GLY B 146 8.50 1.60 18.08
N SER B 147 7.88 2.77 18.06
CA SER B 147 7.38 3.34 16.81
C SER B 147 8.57 3.57 15.83
N GLY B 148 9.71 3.99 16.38
CA GLY B 148 10.95 4.05 15.62
C GLY B 148 10.83 4.91 14.37
N THR B 149 11.31 4.39 13.25
CA THR B 149 11.30 5.17 12.01
C THR B 149 10.01 5.03 11.19
N ILE B 150 8.94 4.53 11.80
CA ILE B 150 7.62 4.50 11.12
C ILE B 150 7.31 5.89 10.61
N LEU B 151 7.67 6.89 11.40
CA LEU B 151 7.38 8.29 11.04
C LEU B 151 8.44 8.86 10.08
N ASP B 152 9.70 8.56 10.34
CA ASP B 152 10.76 9.05 9.47
C ASP B 152 10.56 8.51 8.05
N SER B 153 10.24 7.23 7.94
CA SER B 153 9.96 6.63 6.65
C SER B 153 8.80 7.31 5.92
N ALA B 154 7.73 7.61 6.67
CA ALA B 154 6.61 8.37 6.10
C ALA B 154 7.04 9.74 5.62
N ARG B 155 7.88 10.43 6.37
CA ARG B 155 8.34 11.78 5.94
C ARG B 155 9.17 11.73 4.67
N PHE B 156 10.06 10.75 4.62
CA PHE B 156 10.94 10.50 3.47
C PHE B 156 10.07 10.21 2.26
N ARG B 157 9.09 9.33 2.42
CA ARG B 157 8.13 9.04 1.33
C ARG B 157 7.34 10.28 0.91
N LEU B 158 6.88 11.04 1.89
CA LEU B 158 6.13 12.25 1.59
C LEU B 158 7.01 13.20 0.77
N LEU B 159 8.22 13.50 1.23
CA LEU B 159 9.09 14.44 0.48
C LEU B 159 9.41 13.95 -0.94
N LEU B 160 9.65 12.64 -1.08
CA LEU B 160 9.88 12.02 -2.39
C LEU B 160 8.65 12.08 -3.32
N SER B 161 7.45 11.89 -2.74
CA SER B 161 6.20 11.96 -3.51
C SER B 161 6.02 13.37 -4.06
N GLU B 162 6.53 14.36 -3.35
CA GLU B 162 6.43 15.74 -3.86
C GLU B 162 7.47 15.99 -4.94
N ALA B 163 8.67 15.48 -4.71
CA ALA B 163 9.77 15.66 -5.67
C ALA B 163 9.51 14.93 -6.99
N PHE B 164 8.77 13.82 -6.95
CA PHE B 164 8.50 13.02 -8.16
C PHE B 164 7.05 13.08 -8.61
N ASP B 165 6.24 13.80 -7.83
CA ASP B 165 4.84 14.08 -8.15
C ASP B 165 3.99 12.81 -8.38
N VAL B 166 3.99 11.92 -7.39
CA VAL B 166 3.12 10.74 -7.43
C VAL B 166 2.53 10.55 -6.05
N ALA B 167 1.54 9.66 -5.93
CA ALA B 167 0.96 9.30 -4.64
C ALA B 167 2.05 8.80 -3.68
N PRO B 168 1.99 9.19 -2.39
CA PRO B 168 2.88 8.61 -1.41
C PRO B 168 2.80 7.08 -1.37
N ARG B 169 1.62 6.50 -1.53
CA ARG B 169 1.44 5.05 -1.57
CA ARG B 169 1.50 5.04 -1.52
C ARG B 169 2.27 4.37 -2.67
N SER B 170 2.70 5.15 -3.66
CA SER B 170 3.45 4.59 -4.79
C SER B 170 4.97 4.78 -4.63
N VAL B 171 5.38 5.37 -3.51
CA VAL B 171 6.81 5.53 -3.20
C VAL B 171 7.19 4.45 -2.18
N ASP B 172 8.09 3.52 -2.53
CA ASP B 172 8.60 2.60 -1.52
C ASP B 172 9.96 3.14 -1.09
N ALA B 173 10.01 3.68 0.12
CA ALA B 173 11.24 4.25 0.61
C ALA B 173 11.27 4.17 2.13
N GLN B 174 12.47 4.06 2.69
CA GLN B 174 12.66 3.76 4.09
C GLN B 174 13.75 4.59 4.73
N ILE B 175 13.52 4.95 5.99
CA ILE B 175 14.55 5.49 6.83
C ILE B 175 14.82 4.42 7.89
N ILE B 176 16.09 4.14 8.15
CA ILE B 176 16.43 3.18 9.21
C ILE B 176 17.41 3.79 10.21
N GLY B 177 17.72 3.07 11.30
CA GLY B 177 18.57 3.59 12.36
C GLY B 177 17.79 4.21 13.52
N GLU B 178 18.50 5.00 14.33
CA GLU B 178 17.89 5.80 15.37
C GLU B 178 16.78 6.71 14.82
N HIS B 179 15.67 6.80 15.55
CA HIS B 179 14.67 7.82 15.29
C HIS B 179 15.27 9.11 15.84
N GLY B 180 16.07 9.75 15.01
CA GLY B 180 16.81 10.91 15.45
C GLY B 180 17.98 11.16 14.53
N ASP B 181 18.93 11.95 15.02
CA ASP B 181 19.95 12.56 14.19
C ASP B 181 20.88 11.62 13.45
N THR B 182 21.03 10.37 13.89
CA THR B 182 21.89 9.42 13.20
CA THR B 182 21.90 9.45 13.17
C THR B 182 21.12 8.51 12.26
N GLU B 183 19.83 8.80 12.06
CA GLU B 183 19.04 8.03 11.09
C GLU B 183 19.63 8.15 9.68
N LEU B 184 19.33 7.19 8.81
CA LEU B 184 19.84 7.19 7.45
C LEU B 184 18.78 6.78 6.43
N PRO B 185 18.80 7.43 5.25
CA PRO B 185 17.94 6.98 4.16
C PRO B 185 18.52 5.76 3.50
N VAL B 186 17.64 4.88 3.02
CA VAL B 186 18.09 3.72 2.26
C VAL B 186 17.93 4.01 0.76
N TRP B 187 18.84 4.82 0.23
CA TRP B 187 18.79 5.21 -1.16
C TRP B 187 19.01 4.04 -2.12
N SER B 188 19.70 3.01 -1.66
CA SER B 188 19.96 1.87 -2.52
C SER B 188 18.64 1.15 -2.86
N HIS B 189 17.60 1.42 -2.09
CA HIS B 189 16.28 0.79 -2.28
C HIS B 189 15.23 1.74 -2.83
N ALA B 190 15.22 2.99 -2.36
CA ALA B 190 14.12 3.92 -2.62
C ALA B 190 13.72 4.00 -4.10
N ASN B 191 12.46 3.69 -4.40
CA ASN B 191 12.02 3.64 -5.79
C ASN B 191 10.53 3.90 -5.97
N ILE B 192 10.15 4.26 -7.18
CA ILE B 192 8.76 4.31 -7.56
C ILE B 192 8.61 3.31 -8.73
N ALA B 193 8.05 2.14 -8.43
CA ALA B 193 7.83 1.10 -9.42
C ALA B 193 9.15 0.71 -10.09
N GLY B 194 10.25 0.87 -9.36
CA GLY B 194 11.54 0.53 -9.91
C GLY B 194 12.37 1.70 -10.42
N GLN B 195 11.79 2.91 -10.47
CA GLN B 195 12.62 4.09 -10.79
C GLN B 195 13.62 4.36 -9.67
N PRO B 196 14.91 4.47 -10.00
CA PRO B 196 15.92 4.66 -8.93
C PRO B 196 15.99 6.16 -8.59
N LEU B 197 15.36 6.53 -7.48
CA LEU B 197 15.11 7.92 -7.14
C LEU B 197 16.40 8.74 -6.97
N LYS B 198 17.38 8.20 -6.25
CA LYS B 198 18.61 8.95 -6.07
C LYS B 198 19.30 9.22 -7.41
N THR B 199 19.35 8.20 -8.26
CA THR B 199 19.97 8.33 -9.56
C THR B 199 19.25 9.37 -10.40
N LEU B 200 17.93 9.30 -10.39
CA LEU B 200 17.13 10.31 -11.08
C LEU B 200 17.36 11.73 -10.54
N LEU B 201 17.39 11.88 -9.22
CA LEU B 201 17.67 13.19 -8.67
C LEU B 201 19.05 13.68 -9.09
N GLU B 202 20.04 12.79 -9.09
CA GLU B 202 21.40 13.20 -9.43
C GLU B 202 21.50 13.76 -10.85
N GLN B 203 20.62 13.30 -11.73
CA GLN B 203 20.58 13.80 -13.11
C GLN B 203 20.07 15.22 -13.20
N ARG B 204 19.41 15.71 -12.16
CA ARG B 204 18.87 17.08 -12.21
C ARG B 204 19.97 18.11 -11.92
N PRO B 205 19.73 19.37 -12.31
CA PRO B 205 20.65 20.47 -11.92
C PRO B 205 20.78 20.52 -10.40
N GLU B 206 21.99 20.72 -9.87
CA GLU B 206 22.19 20.72 -8.43
C GLU B 206 21.41 19.57 -7.79
N GLY B 207 21.42 18.43 -8.47
CA GLY B 207 20.70 17.24 -8.01
C GLY B 207 21.26 16.78 -6.68
N LYS B 208 22.57 16.86 -6.55
CA LYS B 208 23.21 16.51 -5.30
C LYS B 208 22.64 17.36 -4.15
N ALA B 209 22.40 18.64 -4.45
CA ALA B 209 21.80 19.54 -3.46
C ALA B 209 20.39 19.06 -3.08
N GLN B 210 19.60 18.67 -4.07
CA GLN B 210 18.21 18.25 -3.81
C GLN B 210 18.16 16.95 -3.02
N ILE B 211 19.05 16.02 -3.35
CA ILE B 211 19.19 14.77 -2.61
C ILE B 211 19.50 15.08 -1.15
N GLU B 212 20.40 16.03 -0.93
CA GLU B 212 20.70 16.42 0.45
C GLU B 212 19.50 17.10 1.14
N GLN B 213 18.82 18.02 0.45
CA GLN B 213 17.70 18.70 1.09
C GLN B 213 16.61 17.73 1.49
N ILE B 214 16.36 16.74 0.64
CA ILE B 214 15.32 15.77 0.95
C ILE B 214 15.67 15.03 2.22
N PHE B 215 16.94 14.64 2.37
CA PHE B 215 17.27 13.97 3.60
C PHE B 215 17.27 14.93 4.79
N VAL B 216 17.80 16.12 4.59
CA VAL B 216 17.86 17.06 5.70
C VAL B 216 16.45 17.40 6.23
N GLN B 217 15.50 17.54 5.32
CA GLN B 217 14.14 17.87 5.71
C GLN B 217 13.46 16.68 6.39
N THR B 218 13.87 15.47 6.00
CA THR B 218 13.44 14.27 6.72
C THR B 218 14.00 14.24 8.14
N ARG B 219 15.33 14.22 8.28
CA ARG B 219 16.00 14.19 9.59
C ARG B 219 15.56 15.29 10.54
N ASP B 220 15.40 16.50 10.03
CA ASP B 220 15.10 17.68 10.87
C ASP B 220 13.61 18.07 10.89
N ALA B 221 12.74 17.19 10.44
CA ALA B 221 11.32 17.53 10.40
C ALA B 221 10.79 17.85 11.77
N ALA B 222 11.11 17.04 12.77
CA ALA B 222 10.56 17.29 14.09
C ALA B 222 10.94 18.70 14.55
N TYR B 223 12.18 19.10 14.28
CA TYR B 223 12.67 20.43 14.68
C TYR B 223 11.92 21.54 13.95
N ASP B 224 11.70 21.34 12.66
CA ASP B 224 10.98 22.32 11.85
C ASP B 224 9.53 22.51 12.34
N ILE B 225 8.86 21.40 12.64
CA ILE B 225 7.49 21.48 13.15
C ILE B 225 7.46 22.08 14.55
N ILE B 226 8.40 21.71 15.41
CA ILE B 226 8.45 22.26 16.75
C ILE B 226 8.69 23.76 16.73
N GLN B 227 9.51 24.23 15.81
CA GLN B 227 9.77 25.65 15.66
C GLN B 227 8.49 26.38 15.24
N ALA B 228 7.71 25.77 14.35
CA ALA B 228 6.47 26.38 13.86
C ALA B 228 5.28 26.32 14.84
N LYS B 229 5.08 25.20 15.52
CA LYS B 229 3.89 25.05 16.38
C LYS B 229 4.14 24.40 17.75
N GLY B 230 5.39 24.12 18.09
CA GLY B 230 5.73 23.74 19.45
C GLY B 230 5.86 22.26 19.77
N ALA B 231 5.28 21.40 18.94
CA ALA B 231 5.26 19.97 19.21
C ALA B 231 4.77 19.29 17.93
N THR B 232 5.09 18.01 17.76
CA THR B 232 4.54 17.25 16.63
C THR B 232 3.63 16.21 17.21
N TYR B 233 2.57 15.86 16.50
CA TYR B 233 1.72 14.81 17.00
C TYR B 233 0.92 14.05 15.94
N TYR B 234 0.57 14.67 14.83
CA TYR B 234 -0.26 13.96 13.86
C TYR B 234 0.49 12.85 13.15
N GLY B 235 1.71 13.13 12.73
CA GLY B 235 2.50 12.11 12.05
C GLY B 235 2.69 10.89 12.93
N VAL B 236 3.10 11.08 14.18
CA VAL B 236 3.35 9.92 15.01
C VAL B 236 2.06 9.19 15.34
N ALA B 237 0.97 9.94 15.61
CA ALA B 237 -0.32 9.31 15.91
C ALA B 237 -0.71 8.35 14.76
N MET B 238 -0.57 8.84 13.53
CA MET B 238 -0.93 8.05 12.36
C MET B 238 -0.04 6.83 12.21
N GLY B 239 1.26 7.01 12.50
CA GLY B 239 2.23 5.91 12.45
C GLY B 239 1.90 4.86 13.49
N LEU B 240 1.55 5.33 14.68
CA LEU B 240 1.12 4.41 15.76
C LEU B 240 -0.13 3.63 15.35
N ALA B 241 -1.08 4.34 14.72
CA ALA B 241 -2.31 3.70 14.24
C ALA B 241 -1.97 2.62 13.21
N ARG B 242 -0.99 2.90 12.34
CA ARG B 242 -0.63 1.95 11.29
C ARG B 242 -0.08 0.65 11.90
N ILE B 243 0.78 0.79 12.90
CA ILE B 243 1.34 -0.37 13.57
C ILE B 243 0.23 -1.13 14.27
N THR B 244 -0.68 -0.39 14.91
CA THR B 244 -1.76 -1.01 15.68
C THR B 244 -2.61 -1.86 14.75
N GLU B 245 -2.84 -1.33 13.56
CA GLU B 245 -3.60 -2.04 12.51
C GLU B 245 -2.92 -3.32 12.06
N ALA B 246 -1.61 -3.27 11.82
CA ALA B 246 -0.87 -4.45 11.41
C ALA B 246 -0.95 -5.55 12.49
N ILE B 247 -0.94 -5.15 13.75
CA ILE B 247 -1.14 -6.12 14.83
C ILE B 247 -2.55 -6.72 14.87
N PHE B 248 -3.57 -5.88 15.00
CA PHE B 248 -4.92 -6.42 15.18
C PHE B 248 -5.56 -7.01 13.93
N ARG B 249 -5.06 -6.65 12.75
CA ARG B 249 -5.50 -7.32 11.54
C ARG B 249 -4.50 -8.42 11.12
N ASN B 250 -3.54 -8.74 11.99
CA ASN B 250 -2.66 -9.89 11.80
C ASN B 250 -2.02 -9.95 10.42
N GLU B 251 -1.38 -8.87 10.01
CA GLU B 251 -1.10 -8.67 8.60
C GLU B 251 0.16 -9.35 8.03
N ASP B 252 1.16 -9.54 8.89
CA ASP B 252 2.52 -9.93 8.43
C ASP B 252 3.02 -8.84 7.49
N ALA B 253 2.73 -7.59 7.82
CA ALA B 253 3.15 -6.45 6.99
C ALA B 253 4.55 -6.05 7.43
N VAL B 254 5.40 -5.67 6.47
CA VAL B 254 6.72 -5.16 6.82
C VAL B 254 6.66 -3.66 7.09
N LEU B 255 7.01 -3.25 8.29
CA LEU B 255 7.04 -1.83 8.62
C LEU B 255 8.35 -1.51 9.30
N THR B 256 8.88 -0.31 9.10
CA THR B 256 10.08 0.09 9.83
C THR B 256 9.67 0.57 11.22
N VAL B 257 10.08 -0.19 12.22
CA VAL B 257 9.76 0.12 13.59
C VAL B 257 11.05 -0.10 14.39
N SER B 258 11.02 0.30 15.66
CA SER B 258 12.15 0.07 16.54
C SER B 258 12.05 -1.36 17.08
N ALA B 259 13.04 -2.20 16.78
CA ALA B 259 13.01 -3.61 17.15
C ALA B 259 14.34 -4.00 17.80
N LEU B 260 14.30 -4.99 18.68
CA LEU B 260 15.54 -5.51 19.25
C LEU B 260 16.31 -6.28 18.18
N LEU B 261 17.59 -5.97 18.03
CA LEU B 261 18.46 -6.77 17.17
C LEU B 261 19.24 -7.77 18.02
N GLU B 262 19.34 -9.00 17.54
CA GLU B 262 20.13 -10.05 18.16
C GLU B 262 21.00 -10.73 17.12
N GLY B 263 21.75 -9.93 16.36
CA GLY B 263 22.64 -10.47 15.36
C GLY B 263 22.33 -9.95 13.98
N GLU B 264 21.09 -9.51 13.74
CA GLU B 264 20.75 -8.91 12.44
C GLU B 264 21.56 -7.64 12.23
N TYR B 265 21.95 -7.38 10.98
CA TYR B 265 22.78 -6.21 10.63
C TYR B 265 24.08 -6.19 11.43
N GLU B 266 24.47 -7.34 11.96
CA GLU B 266 25.69 -7.49 12.78
C GLU B 266 25.66 -6.65 14.06
N GLU B 267 24.47 -6.44 14.60
CA GLU B 267 24.36 -5.69 15.85
C GLU B 267 23.60 -6.53 16.83
N GLU B 268 23.85 -6.33 18.13
CA GLU B 268 23.11 -7.03 19.20
C GLU B 268 22.83 -6.10 20.37
N ASP B 269 21.82 -6.46 21.16
CA ASP B 269 21.51 -5.72 22.39
C ASP B 269 21.24 -4.23 22.18
N VAL B 270 20.35 -3.92 21.24
CA VAL B 270 20.00 -2.54 20.95
C VAL B 270 18.69 -2.57 20.16
N TYR B 271 17.77 -1.70 20.54
CA TYR B 271 16.55 -1.47 19.77
C TYR B 271 16.86 -0.38 18.79
N ILE B 272 16.46 -0.57 17.54
CA ILE B 272 16.79 0.41 16.52
C ILE B 272 15.83 0.29 15.32
N GLY B 273 15.67 1.35 14.54
CA GLY B 273 14.65 1.32 13.48
C GLY B 273 15.09 0.45 12.34
N VAL B 274 14.31 -0.61 12.07
CA VAL B 274 14.57 -1.53 10.96
C VAL B 274 13.24 -2.02 10.36
N PRO B 275 13.25 -2.50 9.09
CA PRO B 275 12.06 -3.18 8.63
C PRO B 275 11.84 -4.46 9.44
N ALA B 276 10.58 -4.71 9.81
CA ALA B 276 10.24 -5.89 10.59
C ALA B 276 8.83 -6.33 10.20
N VAL B 277 8.60 -7.63 10.19
CA VAL B 277 7.29 -8.22 9.95
C VAL B 277 6.37 -8.15 11.18
N ILE B 278 5.22 -7.47 11.01
CA ILE B 278 4.32 -7.21 12.12
C ILE B 278 3.05 -8.05 12.00
N ASN B 279 2.69 -8.76 13.06
CA ASN B 279 1.39 -9.45 13.10
C ASN B 279 0.75 -9.44 14.49
N ARG B 280 -0.27 -10.27 14.71
CA ARG B 280 -1.05 -10.27 15.95
C ARG B 280 -0.14 -10.56 17.15
N ASN B 281 0.98 -11.22 16.89
CA ASN B 281 1.93 -11.54 17.96
C ASN B 281 3.00 -10.46 18.20
N GLY B 282 2.96 -9.41 17.38
CA GLY B 282 3.88 -8.28 17.54
C GLY B 282 4.92 -8.37 16.44
N ILE B 283 6.20 -8.26 16.78
CA ILE B 283 7.26 -8.43 15.77
C ILE B 283 7.54 -9.90 15.52
N ARG B 284 7.19 -10.39 14.34
CA ARG B 284 7.49 -11.79 14.01
C ARG B 284 8.99 -11.97 13.81
N ASN B 285 9.60 -11.08 13.03
CA ASN B 285 11.05 -11.13 12.79
C ASN B 285 11.56 -9.83 12.22
N VAL B 286 12.84 -9.54 12.43
CA VAL B 286 13.48 -8.43 11.74
C VAL B 286 13.77 -8.86 10.31
N VAL B 287 13.56 -7.95 9.36
CA VAL B 287 13.83 -8.20 7.97
C VAL B 287 15.22 -7.62 7.66
N GLU B 288 16.09 -8.46 7.14
CA GLU B 288 17.48 -8.06 6.92
C GLU B 288 17.73 -7.75 5.45
N ILE B 289 17.87 -6.47 5.15
CA ILE B 289 18.00 -6.08 3.76
C ILE B 289 19.47 -5.78 3.44
N PRO B 290 19.84 -5.90 2.17
CA PRO B 290 21.21 -5.53 1.77
C PRO B 290 21.36 -4.03 1.89
N LEU B 291 22.44 -3.60 2.51
CA LEU B 291 22.79 -2.18 2.60
C LEU B 291 24.03 -1.96 1.76
N ASN B 292 24.12 -0.83 1.08
CA ASN B 292 25.37 -0.53 0.38
C ASN B 292 26.42 -0.03 1.39
N ASP B 293 27.64 0.26 0.93
CA ASP B 293 28.70 0.64 1.88
C ASP B 293 28.39 1.87 2.72
N GLU B 294 27.84 2.90 2.10
CA GLU B 294 27.50 4.10 2.85
C GLU B 294 26.44 3.78 3.90
N GLU B 295 25.47 2.93 3.53
CA GLU B 295 24.37 2.59 4.44
C GLU B 295 24.87 1.70 5.59
N GLN B 296 25.75 0.75 5.26
CA GLN B 296 26.34 -0.10 6.28
C GLN B 296 27.06 0.79 7.28
N SER B 297 27.87 1.72 6.77
CA SER B 297 28.65 2.57 7.67
C SER B 297 27.77 3.44 8.58
N LYS B 298 26.75 4.07 8.01
CA LYS B 298 25.81 4.88 8.79
C LYS B 298 24.96 4.06 9.78
N PHE B 299 24.50 2.89 9.37
CA PHE B 299 23.71 2.08 10.29
C PHE B 299 24.55 1.63 11.50
N ALA B 300 25.78 1.21 11.26
CA ALA B 300 26.66 0.82 12.36
C ALA B 300 26.93 1.97 13.33
N HIS B 301 27.17 3.15 12.80
CA HIS B 301 27.37 4.35 13.62
C HIS B 301 26.11 4.72 14.43
N SER B 302 24.93 4.51 13.85
CA SER B 302 23.71 4.80 14.58
C SER B 302 23.52 3.85 15.76
N ALA B 303 23.79 2.57 15.52
CA ALA B 303 23.67 1.55 16.55
C ALA B 303 24.65 1.89 17.68
N LYS B 304 25.88 2.26 17.31
CA LYS B 304 26.89 2.59 18.31
C LYS B 304 26.49 3.82 19.12
N THR B 305 25.96 4.83 18.44
CA THR B 305 25.48 6.05 19.10
C THR B 305 24.45 5.69 20.18
N LEU B 306 23.50 4.84 19.83
CA LEU B 306 22.45 4.43 20.76
C LEU B 306 23.06 3.60 21.89
N LYS B 307 23.91 2.65 21.54
CA LYS B 307 24.49 1.76 22.55
C LYS B 307 25.40 2.49 23.54
N ASP B 308 26.10 3.54 23.07
CA ASP B 308 26.94 4.37 23.93
C ASP B 308 26.09 5.13 24.95
N ILE B 309 24.98 5.69 24.50
CA ILE B 309 24.09 6.44 25.38
C ILE B 309 23.44 5.52 26.40
N MET B 310 23.08 4.31 25.97
CA MET B 310 22.49 3.32 26.87
C MET B 310 23.49 2.91 27.97
N ALA B 311 24.75 2.84 27.61
CA ALA B 311 25.78 2.39 28.55
C ALA B 311 26.02 3.46 29.62
N GLU B 312 25.61 4.68 29.33
CA GLU B 312 25.76 5.79 30.27
C GLU B 312 24.48 6.12 31.02
N ALA B 313 23.39 5.44 30.71
CA ALA B 313 22.14 5.66 31.41
C ALA B 313 22.09 4.83 32.70
N GLU B 314 22.29 5.48 33.83
CA GLU B 314 22.26 4.76 35.10
C GLU B 314 20.92 4.07 35.34
N GLU B 315 19.83 4.64 34.84
CA GLU B 315 18.53 3.99 35.02
C GLU B 315 18.47 2.62 34.35
N LEU B 316 19.26 2.41 33.31
CA LEU B 316 19.27 1.14 32.63
C LEU B 316 20.09 0.11 33.40
N LYS B 317 20.76 0.56 34.46
CA LYS B 317 21.50 -0.37 35.32
C LYS B 317 20.80 -0.58 36.67
PA NAD C . -19.27 -14.21 -19.96
O1A NAD C . -19.62 -15.13 -21.09
O2A NAD C . -19.55 -14.65 -18.58
O5B NAD C . -19.98 -12.83 -20.22
C5B NAD C . -19.89 -12.11 -21.43
C4B NAD C . -21.02 -11.09 -21.46
O4B NAD C . -20.83 -10.21 -22.60
C3B NAD C . -22.41 -11.77 -21.66
O3B NAD C . -23.37 -11.25 -20.74
C2B NAD C . -22.80 -11.33 -23.07
O2B NAD C . -24.21 -11.19 -23.19
C1B NAD C . -22.17 -9.95 -23.06
N9A NAD C . -22.15 -9.39 -24.39
C8A NAD C . -21.66 -10.12 -25.56
N7A NAD C . -21.86 -9.11 -26.60
C5A NAD C . -22.41 -8.03 -26.07
C6A NAD C . -22.76 -6.84 -26.66
N6A NAD C . -22.58 -6.72 -27.97
N1A NAD C . -23.33 -5.80 -25.93
C2A NAD C . -23.59 -5.89 -24.47
N3A NAD C . -23.14 -7.18 -23.92
C4A NAD C . -22.57 -8.19 -24.72
O3 NAD C . -17.73 -13.78 -20.17
PN NAD C . -16.78 -13.32 -18.94
O1N NAD C . -16.30 -14.50 -18.22
O2N NAD C . -17.52 -12.28 -18.17
O5D NAD C . -15.58 -12.64 -19.77
C5D NAD C . -15.76 -11.40 -20.40
C4D NAD C . -14.48 -11.01 -21.13
O4D NAD C . -13.47 -10.73 -20.13
C3D NAD C . -13.91 -12.15 -21.99
O3D NAD C . -13.32 -11.57 -23.13
C2D NAD C . -12.78 -12.67 -21.15
O2D NAD C . -11.75 -13.22 -21.98
C1D NAD C . -12.28 -11.36 -20.58
N1N NAD C . -11.47 -11.55 -19.37
C2N NAD C . -10.41 -10.69 -19.12
C3N NAD C . -9.65 -10.84 -17.99
C7N NAD C . -8.51 -9.88 -17.75
O7N NAD C . -7.65 -10.07 -16.72
N7N NAD C . -8.48 -8.78 -18.50
C4N NAD C . -9.93 -11.85 -17.06
C5N NAD C . -11.01 -12.70 -17.30
C6N NAD C . -11.78 -12.54 -18.44
C PYR D . -7.04 -13.78 -16.92
O PYR D . -7.63 -14.26 -15.87
OXT PYR D . -5.78 -13.47 -16.83
CA PYR D . -7.72 -13.69 -18.13
O3 PYR D . -7.46 -12.75 -19.04
CB PYR D . -8.81 -14.69 -18.38
C1 GOL E . 15.48 -3.29 -4.88
O1 GOL E . 15.53 -2.19 -4.00
C2 GOL E . 15.16 -2.90 -6.32
O2 GOL E . 16.33 -2.95 -7.13
C3 GOL E . 14.51 -1.54 -6.46
O3 GOL E . 14.09 -1.36 -7.81
PA NAD F . 2.58 16.15 26.33
O1A NAD F . 3.25 16.99 27.37
O2A NAD F . 1.55 16.82 25.49
O5B NAD F . 1.98 14.93 27.07
C5B NAD F . 2.70 14.16 28.00
C4B NAD F . 1.68 13.42 28.82
O4B NAD F . 2.36 12.43 29.62
C3B NAD F . 0.98 14.38 29.81
O3B NAD F . -0.45 14.23 29.74
C2B NAD F . 1.50 13.90 31.16
O2B NAD F . 0.54 14.12 32.19
C1B NAD F . 1.63 12.43 30.87
N9A NAD F . 2.45 11.78 31.90
C8A NAD F . 3.73 12.33 32.34
N7A NAD F . 4.15 11.33 33.31
C5A NAD F . 3.22 10.39 33.42
C6A NAD F . 3.17 9.26 34.22
N6A NAD F . 4.16 9.01 35.08
N1A NAD F . 2.08 8.40 34.18
C2A NAD F . 0.92 8.58 33.29
N3A NAD F . 1.06 9.81 32.50
C4A NAD F . 2.18 10.65 32.55
O3 NAD F . 3.72 15.52 25.42
PN NAD F . 3.46 14.98 23.89
O1N NAD F . 3.62 16.06 22.95
O2N NAD F . 2.18 14.20 23.89
O5D NAD F . 4.71 13.98 23.77
C5D NAD F . 4.74 12.76 24.48
C4D NAD F . 6.08 12.02 24.25
O4D NAD F . 6.13 11.50 22.88
C3D NAD F . 7.30 12.92 24.40
O3D NAD F . 8.35 12.09 24.86
C2D NAD F . 7.65 13.28 22.98
O2D NAD F . 9.06 13.42 22.91
C1D NAD F . 7.35 11.95 22.30
N1N NAD F . 7.16 12.05 20.83
C2N NAD F . 7.56 10.96 20.06
C3N NAD F . 7.40 11.00 18.70
C7N NAD F . 7.83 9.81 17.90
O7N NAD F . 7.79 9.84 16.56
N7N NAD F . 8.19 8.69 18.56
C4N NAD F . 6.85 12.13 18.07
C5N NAD F . 6.44 13.21 18.83
C6N NAD F . 6.60 13.17 20.22
C PYR G . 9.18 13.48 15.85
O PYR G . 9.96 12.90 14.98
OXT PYR G . 8.10 14.09 15.46
CA PYR G . 9.52 13.42 17.19
O3 PYR G . 10.13 12.37 17.71
CB PYR G . 9.13 14.60 18.03
C1 GOL H . 8.14 9.91 -11.84
O1 GOL H . 9.25 9.13 -12.26
C2 GOL H . 6.88 9.23 -12.32
O2 GOL H . 7.03 8.89 -13.68
C3 GOL H . 5.70 10.19 -12.17
O3 GOL H . 5.46 10.83 -13.40
#